data_5VU6
#
_entry.id   5VU6
#
_cell.length_a   66.090
_cell.length_b   110.800
_cell.length_c   149.080
_cell.angle_alpha   90.00
_cell.angle_beta   90.00
_cell.angle_gamma   90.00
#
_symmetry.space_group_name_H-M   'P 2 21 21'
#
loop_
_entity.id
_entity.type
_entity.pdbx_description
1 polymer 'DNA polymerase'
2 polymer 'DNA template'
3 polymer 'DNA/TNA hybrid primer'
#
loop_
_entity_poly.entity_id
_entity_poly.type
_entity_poly.pdbx_seq_one_letter_code
_entity_poly.pdbx_strand_id
1 'polypeptide(L)'
;MILDTDYITEDGKPVIRIFKKENGEFKIEYDRTFEPYFYALLKDDSAIEEVKKITAERHGTVVTVKRVEKVQKKFLGRPV
EVWKLYFTHPQDVPAIRDKIREHPAVIDIYEYDIPFAKRYLIDKGLVPMEGDEELKMLAFAIATLYHEGEEFAEGPILMI
SYADEEGARVITWKNVDLPYVDVVSTEREMIKRFLRVVKEKDPDVLITYNGDNFDFAYLKKRCEKLGINFALGRDGSEPK
IQRMGDRFAVEVKGRIHFDLYPVIRRTINLPTYTLEAVYEAVFGQPKEKVYAEEITTAWETGENLERVARYSMEDAKVTY
ELGKEFLPMEAQLSRLIGQSLWDVSRSSTGNLVEWFLLRKAYERNELAPNKPDEKELARRRQSYEGGYVKEPERGLWENI
VYLDFRSLYPSIIITHNVSPDTLNREGCKEYDVAPQVGHRFCKDFPGFIPSLLGDLLEERQKIKKKMKATIDPIERKLLD
YRQRRIKILANSYYGYYGYARARWYCKECAESVTAWGREYITMTIKEIEEKYGFKVIYSDTDGFFATIPGADAETVKKKA
MEFLKYINAKLPGALELEYEGFYKRGFFVTKKKYAVIDEEGKITTRGLEIVRRDWSEIAKETQARVLEALLKDGDVEKAV
RIVKEVTEKLSKYEVPPEKLVIHIQITRDLKDYKATGPHVAVAKRLAARGVKIRPGTVISYIVLKGSGRIGDRAIPFDEF
DPTKHKYDAEYYIENQVLPAVERILRAFGYRKEDLRYQKTRQVGLSAWLKPKGT
;
A
2 'polydeoxyribonucleotide' (DA)(DA)(DA)(DT)(DT)(DC)(DG)(DC)(DA)(DG)(DT)(DT)(DC)(DG)(DC)(DG) T
3 'polydeoxyribonucleotide' (DC)(DG)(DC)(DG)(DA)(DA)(DC)(DT)(DG)(DC)(DG)(FA2) P
#
# COMPACT_ATOMS: atom_id res chain seq x y z
N MET A 1 20.03 17.82 2.27
CA MET A 1 18.99 16.79 2.24
C MET A 1 19.22 15.79 1.12
N ILE A 2 19.49 14.54 1.50
CA ILE A 2 19.86 13.50 0.55
C ILE A 2 18.61 12.98 -0.12
N LEU A 3 18.51 13.16 -1.44
CA LEU A 3 17.33 12.73 -2.17
C LEU A 3 17.43 11.27 -2.59
N ASP A 4 18.58 10.87 -3.13
CA ASP A 4 18.74 9.53 -3.66
C ASP A 4 20.24 9.22 -3.74
N THR A 5 20.53 7.95 -4.03
CA THR A 5 21.89 7.48 -4.24
C THR A 5 21.92 6.54 -5.45
N ASP A 6 23.07 6.51 -6.12
CA ASP A 6 23.36 5.53 -7.16
C ASP A 6 24.87 5.48 -7.31
N TYR A 7 25.33 4.75 -8.31
CA TYR A 7 26.76 4.73 -8.59
C TYR A 7 27.00 4.70 -10.09
N ILE A 8 28.06 5.39 -10.49
CA ILE A 8 28.60 5.30 -11.84
C ILE A 8 29.93 4.59 -11.75
N THR A 9 30.39 4.09 -12.89
CA THR A 9 31.68 3.40 -12.96
C THR A 9 32.69 4.32 -13.61
N GLU A 10 33.82 4.55 -12.93
CA GLU A 10 34.93 5.34 -13.45
C GLU A 10 36.17 4.45 -13.43
N ASP A 11 36.65 4.07 -14.61
CA ASP A 11 37.83 3.22 -14.75
C ASP A 11 37.64 1.88 -14.03
N GLY A 12 36.45 1.31 -14.17
CA GLY A 12 36.14 0.03 -13.56
C GLY A 12 35.83 0.08 -12.08
N LYS A 13 35.93 1.24 -11.43
CA LYS A 13 35.66 1.34 -10.00
C LYS A 13 34.38 2.13 -9.74
N PRO A 14 33.57 1.68 -8.79
CA PRO A 14 32.27 2.34 -8.57
C PRO A 14 32.43 3.67 -7.87
N VAL A 15 31.57 4.63 -8.23
CA VAL A 15 31.59 5.96 -7.64
C VAL A 15 30.19 6.28 -7.17
N ILE A 16 29.98 6.28 -5.84
CA ILE A 16 28.68 6.62 -5.30
C ILE A 16 28.34 8.07 -5.64
N ARG A 17 27.10 8.29 -6.07
CA ARG A 17 26.59 9.64 -6.27
C ARG A 17 25.48 9.90 -5.25
N ILE A 18 25.69 10.90 -4.40
CA ILE A 18 24.72 11.30 -3.40
C ILE A 18 24.02 12.55 -3.92
N PHE A 19 22.78 12.39 -4.36
CA PHE A 19 21.99 13.52 -4.86
C PHE A 19 21.37 14.24 -3.68
N LYS A 20 21.71 15.53 -3.53
CA LYS A 20 21.24 16.30 -2.39
C LYS A 20 20.67 17.65 -2.84
N LYS A 21 19.89 18.24 -1.95
CA LYS A 21 19.49 19.64 -2.03
C LYS A 21 19.87 20.29 -0.70
N GLU A 22 20.83 21.20 -0.72
CA GLU A 22 21.34 21.84 0.49
C GLU A 22 21.09 23.33 0.42
N ASN A 23 20.09 23.79 1.20
CA ASN A 23 19.67 25.19 1.25
C ASN A 23 19.32 25.70 -0.15
N GLY A 24 18.49 24.92 -0.85
CA GLY A 24 17.89 25.32 -2.10
C GLY A 24 18.71 25.04 -3.35
N GLU A 25 19.85 24.37 -3.21
CA GLU A 25 20.77 24.18 -4.32
C GLU A 25 21.09 22.70 -4.47
N PHE A 26 20.83 22.15 -5.66
CA PHE A 26 21.12 20.75 -5.94
C PHE A 26 22.62 20.53 -5.97
N LYS A 27 23.08 19.49 -5.27
CA LYS A 27 24.49 19.15 -5.20
C LYS A 27 24.64 17.65 -5.36
N ILE A 28 25.81 17.24 -5.85
CA ILE A 28 26.16 15.83 -6.00
C ILE A 28 27.43 15.57 -5.22
N GLU A 29 27.38 14.61 -4.31
CA GLU A 29 28.55 14.14 -3.58
C GLU A 29 29.05 12.85 -4.22
N TYR A 30 30.38 12.69 -4.24
CA TYR A 30 31.01 11.54 -4.86
C TYR A 30 31.82 10.78 -3.81
N ASP A 31 31.67 9.45 -3.82
CA ASP A 31 32.42 8.59 -2.92
C ASP A 31 33.00 7.44 -3.73
N ARG A 32 34.29 7.36 -3.74
CA ARG A 32 34.96 6.31 -4.43
C ARG A 32 35.63 5.40 -3.48
N THR A 33 35.38 5.59 -2.19
CA THR A 33 36.02 4.80 -1.16
C THR A 33 35.20 3.57 -0.80
N PHE A 34 33.90 3.58 -1.04
CA PHE A 34 33.04 2.49 -0.63
C PHE A 34 33.35 1.24 -1.43
N GLU A 35 33.42 0.10 -0.75
CA GLU A 35 33.82 -1.16 -1.33
C GLU A 35 32.68 -2.16 -1.23
N PRO A 36 32.31 -2.84 -2.33
CA PRO A 36 31.26 -3.84 -2.25
C PRO A 36 31.74 -5.09 -1.51
N TYR A 37 30.81 -5.74 -0.82
CA TYR A 37 31.18 -6.88 0.02
C TYR A 37 29.97 -7.79 0.23
N PHE A 38 30.25 -9.04 0.58
CA PHE A 38 29.27 -9.90 1.23
C PHE A 38 30.01 -10.85 2.16
N TYR A 39 29.23 -11.58 2.97
CA TYR A 39 29.77 -12.42 4.03
C TYR A 39 29.75 -13.89 3.64
N ALA A 40 30.70 -14.64 4.19
CA ALA A 40 30.79 -16.08 3.97
C ALA A 40 31.11 -16.77 5.29
N LEU A 41 30.51 -17.95 5.49
CA LEU A 41 30.72 -18.75 6.69
C LEU A 41 31.20 -20.13 6.27
N LEU A 42 32.24 -20.62 6.95
CA LEU A 42 32.98 -21.79 6.52
C LEU A 42 33.33 -22.68 7.71
N LYS A 43 33.79 -24.17 7.62
CA LYS A 43 34.08 -25.12 8.68
C LYS A 43 35.46 -24.89 9.29
N ASP A 44 36.40 -24.42 8.48
CA ASP A 44 37.75 -24.20 8.97
C ASP A 44 38.45 -23.09 8.19
N ASP A 45 39.26 -22.32 8.90
CA ASP A 45 39.99 -21.23 8.27
C ASP A 45 41.01 -21.76 7.28
N SER A 46 40.92 -23.05 6.94
CA SER A 46 41.87 -23.61 5.99
C SER A 46 41.50 -23.27 4.55
N ALA A 47 40.21 -23.11 4.28
CA ALA A 47 39.73 -22.85 2.92
C ALA A 47 39.75 -21.38 2.54
N ILE A 48 40.26 -20.51 3.41
CA ILE A 48 40.20 -19.07 3.14
C ILE A 48 41.13 -18.69 2.00
N GLU A 49 42.34 -19.24 1.98
CA GLU A 49 43.21 -18.97 0.85
C GLU A 49 42.74 -19.75 -0.37
N GLU A 50 42.08 -20.88 -0.16
CA GLU A 50 41.30 -21.48 -1.22
C GLU A 50 40.11 -20.61 -1.59
N VAL A 51 39.55 -19.87 -0.62
CA VAL A 51 38.41 -18.99 -0.89
C VAL A 51 38.86 -17.63 -1.43
N LYS A 52 40.13 -17.27 -1.26
CA LYS A 52 40.63 -16.05 -1.87
C LYS A 52 40.91 -16.23 -3.36
N LYS A 53 41.23 -17.45 -3.78
CA LYS A 53 41.72 -17.73 -5.12
C LYS A 53 40.62 -18.15 -6.11
N ILE A 54 39.35 -18.11 -5.70
CA ILE A 54 38.27 -18.42 -6.64
C ILE A 54 38.16 -17.29 -7.67
N THR A 55 37.61 -17.65 -8.83
CA THR A 55 37.58 -16.76 -9.98
C THR A 55 36.25 -16.98 -10.69
N ALA A 56 35.73 -15.90 -11.26
CA ALA A 56 34.58 -16.01 -12.15
C ALA A 56 34.77 -15.00 -13.28
N GLU A 57 33.81 -14.97 -14.20
CA GLU A 57 33.83 -14.05 -15.33
C GLU A 57 32.46 -13.43 -15.51
N ARG A 58 32.41 -12.10 -15.53
CA ARG A 58 31.14 -11.39 -15.75
C ARG A 58 30.95 -11.12 -17.24
N HIS A 59 31.88 -10.37 -17.85
CA HIS A 59 31.84 -10.04 -19.28
C HIS A 59 33.28 -9.98 -19.76
N GLY A 60 33.67 -11.09 -20.35
CA GLY A 60 34.99 -11.26 -20.86
C GLY A 60 35.98 -10.89 -19.80
N THR A 61 35.52 -10.46 -18.64
CA THR A 61 36.49 -10.08 -17.64
C THR A 61 36.66 -11.15 -16.67
N VAL A 62 37.59 -10.97 -15.74
CA VAL A 62 37.86 -11.99 -14.76
C VAL A 62 37.75 -11.30 -13.46
N VAL A 63 36.87 -11.80 -12.62
CA VAL A 63 36.59 -11.13 -11.34
C VAL A 63 37.34 -11.87 -10.23
N THR A 64 37.94 -11.09 -9.33
CA THR A 64 38.79 -11.61 -8.26
C THR A 64 38.31 -11.06 -6.93
N VAL A 65 38.76 -11.71 -5.85
CA VAL A 65 38.47 -11.25 -4.49
C VAL A 65 39.48 -10.15 -4.14
N LYS A 66 38.98 -8.93 -3.92
CA LYS A 66 39.86 -7.79 -3.67
C LYS A 66 40.64 -7.97 -2.37
N ARG A 67 39.94 -8.18 -1.28
CA ARG A 67 40.56 -8.33 -0.01
C ARG A 67 39.66 -9.13 0.92
N VAL A 68 40.12 -9.45 2.10
CA VAL A 68 39.33 -10.19 3.07
C VAL A 68 39.59 -9.65 4.47
N GLU A 69 38.53 -9.57 5.27
CA GLU A 69 38.62 -9.40 6.70
C GLU A 69 37.53 -10.24 7.34
N LYS A 70 37.82 -10.80 8.51
CA LYS A 70 36.87 -11.65 9.20
C LYS A 70 36.43 -10.94 10.47
N VAL A 71 35.12 -10.97 10.73
CA VAL A 71 34.50 -10.13 11.76
C VAL A 71 33.69 -11.00 12.72
N GLN A 72 33.69 -10.59 13.98
CA GLN A 72 32.80 -11.16 14.98
C GLN A 72 31.44 -10.49 14.84
N LYS A 73 30.43 -11.26 14.46
CA LYS A 73 29.08 -10.77 14.29
C LYS A 73 28.11 -11.64 15.07
N LYS A 74 26.95 -11.08 15.39
CA LYS A 74 25.86 -11.82 16.01
C LYS A 74 24.91 -12.35 14.94
N PHE A 75 24.33 -13.52 15.22
CA PHE A 75 23.31 -14.10 14.36
C PHE A 75 22.16 -14.57 15.25
N LEU A 76 21.03 -13.86 15.18
CA LEU A 76 19.88 -14.11 16.06
C LEU A 76 20.30 -14.06 17.53
N GLY A 77 21.11 -13.06 17.88
CA GLY A 77 21.64 -12.94 19.22
C GLY A 77 22.84 -13.81 19.52
N ARG A 78 23.08 -14.86 18.74
CA ARG A 78 24.19 -15.77 19.00
C ARG A 78 25.44 -15.30 18.25
N PRO A 79 26.58 -15.19 18.93
CA PRO A 79 27.79 -14.68 18.26
C PRO A 79 28.34 -15.69 17.27
N VAL A 80 28.98 -15.17 16.23
CA VAL A 80 29.55 -16.02 15.18
C VAL A 80 30.64 -15.24 14.45
N GLU A 81 31.46 -15.95 13.67
CA GLU A 81 32.57 -15.37 12.93
C GLU A 81 32.41 -15.69 11.45
N VAL A 82 32.27 -14.65 10.62
CA VAL A 82 32.11 -14.83 9.19
C VAL A 82 33.21 -14.07 8.46
N TRP A 83 33.49 -14.51 7.23
CA TRP A 83 34.45 -13.86 6.36
C TRP A 83 33.77 -12.82 5.49
N LYS A 84 34.27 -11.59 5.55
CA LYS A 84 33.78 -10.47 4.75
C LYS A 84 34.58 -10.41 3.46
N LEU A 85 33.92 -10.63 2.34
CA LEU A 85 34.57 -10.77 1.05
C LEU A 85 34.38 -9.48 0.26
N TYR A 86 35.38 -8.61 0.27
CA TYR A 86 35.34 -7.40 -0.53
C TYR A 86 35.61 -7.74 -1.98
N PHE A 87 35.18 -6.85 -2.87
CA PHE A 87 35.30 -7.06 -4.30
C PHE A 87 35.63 -5.75 -4.99
N THR A 88 36.11 -5.89 -6.23
CA THR A 88 36.48 -4.73 -7.02
C THR A 88 35.27 -3.90 -7.39
N HIS A 89 34.19 -4.55 -7.83
CA HIS A 89 33.04 -3.88 -8.40
C HIS A 89 31.74 -4.41 -7.82
N PRO A 90 30.74 -3.55 -7.72
CA PRO A 90 29.48 -3.92 -7.20
C PRO A 90 28.86 -5.00 -7.96
N GLN A 91 29.25 -5.24 -9.18
CA GLN A 91 28.65 -6.31 -9.94
C GLN A 91 29.49 -7.50 -9.92
N ASP A 92 30.63 -7.41 -9.27
CA ASP A 92 31.51 -8.52 -9.16
C ASP A 92 30.72 -9.56 -8.40
N VAL A 93 29.99 -9.11 -7.43
CA VAL A 93 29.24 -9.97 -6.61
C VAL A 93 28.42 -11.03 -7.30
N PRO A 94 27.32 -10.67 -7.87
CA PRO A 94 26.39 -11.66 -8.44
C PRO A 94 27.09 -12.70 -9.29
N ALA A 95 28.17 -12.33 -9.97
CA ALA A 95 28.85 -13.28 -10.84
C ALA A 95 29.60 -14.34 -10.04
N ILE A 96 30.03 -14.01 -8.83
CA ILE A 96 30.93 -14.88 -8.07
C ILE A 96 30.31 -15.42 -6.78
N ARG A 97 29.19 -14.85 -6.31
CA ARG A 97 28.64 -15.30 -5.03
C ARG A 97 28.17 -16.75 -5.09
N ASP A 98 27.59 -17.16 -6.22
CA ASP A 98 27.18 -18.56 -6.37
C ASP A 98 28.39 -19.48 -6.34
N LYS A 99 29.47 -19.10 -7.04
CA LYS A 99 30.67 -19.93 -7.06
C LYS A 99 31.26 -20.09 -5.66
N ILE A 100 31.29 -19.00 -4.88
CA ILE A 100 31.82 -19.11 -3.52
C ILE A 100 30.93 -20.00 -2.66
N ARG A 101 29.61 -19.94 -2.87
CA ARG A 101 28.70 -20.71 -2.03
C ARG A 101 28.75 -22.20 -2.37
N GLU A 102 28.89 -22.54 -3.66
CA GLU A 102 29.00 -23.95 -4.04
C GLU A 102 30.30 -24.58 -3.59
N HIS A 103 31.28 -23.78 -3.17
CA HIS A 103 32.48 -24.28 -2.51
C HIS A 103 32.08 -25.18 -1.35
N PRO A 104 32.48 -26.46 -1.34
CA PRO A 104 32.06 -27.35 -0.25
C PRO A 104 32.47 -26.89 1.14
N ALA A 105 33.56 -26.13 1.28
CA ALA A 105 34.01 -25.74 2.61
C ALA A 105 33.39 -24.44 3.11
N VAL A 106 32.46 -23.86 2.38
CA VAL A 106 31.69 -22.71 2.86
C VAL A 106 30.33 -23.20 3.32
N ILE A 107 29.95 -22.83 4.53
CA ILE A 107 28.63 -23.22 5.06
C ILE A 107 27.54 -22.41 4.38
N ASP A 108 27.65 -21.09 4.41
CA ASP A 108 26.67 -20.24 3.73
C ASP A 108 27.26 -18.86 3.52
N ILE A 109 26.57 -18.08 2.68
CA ILE A 109 26.96 -16.71 2.34
C ILE A 109 25.79 -15.80 2.67
N TYR A 110 26.08 -14.62 3.21
CA TYR A 110 25.05 -13.74 3.75
C TYR A 110 25.19 -12.33 3.21
N GLU A 111 24.05 -11.63 3.16
CA GLU A 111 23.98 -10.24 2.72
C GLU A 111 24.64 -10.07 1.35
N TYR A 112 24.21 -10.88 0.40
CA TYR A 112 24.81 -10.90 -0.93
C TYR A 112 23.92 -10.29 -2.01
N ASP A 113 22.75 -9.78 -1.64
CA ASP A 113 21.79 -9.28 -2.61
C ASP A 113 21.28 -7.90 -2.20
N ILE A 114 22.17 -7.07 -1.69
CA ILE A 114 21.85 -5.69 -1.31
C ILE A 114 22.38 -4.77 -2.39
N PRO A 115 21.54 -4.01 -3.08
CA PRO A 115 22.02 -3.04 -4.06
C PRO A 115 23.07 -2.10 -3.46
N PHE A 116 24.11 -1.84 -4.26
CA PHE A 116 25.25 -1.07 -3.79
C PHE A 116 24.83 0.29 -3.23
N ALA A 117 23.95 0.99 -3.93
CA ALA A 117 23.56 2.33 -3.49
C ALA A 117 22.76 2.29 -2.19
N LYS A 118 21.89 1.29 -2.04
CA LYS A 118 21.11 1.16 -0.81
C LYS A 118 21.99 0.66 0.34
N ARG A 119 22.88 -0.29 0.05
CA ARG A 119 23.88 -0.70 1.03
C ARG A 119 24.71 0.49 1.50
N TYR A 120 25.00 1.43 0.60
CA TYR A 120 25.79 2.60 0.98
C TYR A 120 25.05 3.44 2.01
N LEU A 121 23.74 3.64 1.83
CA LEU A 121 22.98 4.46 2.77
C LEU A 121 22.92 3.82 4.14
N ILE A 122 22.84 2.49 4.19
CA ILE A 122 22.80 1.78 5.46
C ILE A 122 24.16 1.83 6.14
N ASP A 123 25.19 1.33 5.46
CA ASP A 123 26.52 1.24 6.06
C ASP A 123 27.06 2.59 6.49
N LYS A 124 26.73 3.65 5.76
CA LYS A 124 27.20 4.99 6.09
C LYS A 124 26.25 5.72 7.03
N GLY A 125 25.17 5.07 7.47
CA GLY A 125 24.23 5.68 8.38
C GLY A 125 23.63 6.99 7.89
N LEU A 126 23.38 7.08 6.59
CA LEU A 126 22.78 8.28 6.01
C LEU A 126 21.29 8.07 5.82
N VAL A 127 20.52 9.10 6.12
CA VAL A 127 19.06 9.07 6.07
C VAL A 127 18.60 9.94 4.91
N PRO A 128 17.83 9.42 3.96
CA PRO A 128 17.26 10.27 2.92
C PRO A 128 16.08 11.07 3.44
N MET A 129 15.82 12.19 2.77
CA MET A 129 14.66 13.04 3.04
C MET A 129 14.67 13.59 4.46
N GLU A 130 15.86 13.73 5.05
CA GLU A 130 16.02 14.27 6.40
C GLU A 130 16.43 15.73 6.27
N GLY A 131 15.56 16.62 6.69
CA GLY A 131 15.83 18.04 6.60
C GLY A 131 14.54 18.83 6.43
N ASP A 132 14.72 20.14 6.35
CA ASP A 132 13.61 21.09 6.26
C ASP A 132 13.38 21.58 4.84
N GLU A 133 14.08 21.03 3.85
CA GLU A 133 14.12 21.63 2.54
C GLU A 133 12.76 21.59 1.84
N GLU A 134 12.47 22.65 1.10
CA GLU A 134 11.33 22.71 0.19
C GLU A 134 11.77 22.29 -1.19
N LEU A 135 11.06 21.34 -1.78
CA LEU A 135 11.38 20.80 -3.10
C LEU A 135 10.45 21.40 -4.15
N LYS A 136 11.03 21.93 -5.23
CA LYS A 136 10.24 22.36 -6.37
C LYS A 136 9.74 21.15 -7.13
N MET A 137 8.44 21.13 -7.42
CA MET A 137 7.81 19.98 -8.06
C MET A 137 7.15 20.40 -9.36
N LEU A 138 7.05 19.42 -10.27
CA LEU A 138 6.41 19.62 -11.56
C LEU A 138 5.71 18.32 -11.92
N ALA A 139 4.39 18.39 -12.08
CA ALA A 139 3.59 17.28 -12.57
C ALA A 139 3.38 17.44 -14.06
N PHE A 140 3.22 16.30 -14.76
CA PHE A 140 2.94 16.33 -16.19
C PHE A 140 2.11 15.13 -16.59
N ALA A 141 1.35 15.31 -17.67
CA ALA A 141 0.55 14.27 -18.30
C ALA A 141 0.62 14.47 -19.81
N ILE A 142 0.20 13.44 -20.55
CA ILE A 142 0.23 13.51 -22.01
C ILE A 142 -1.10 13.02 -22.57
N ALA A 143 -1.38 13.42 -23.80
CA ALA A 143 -2.50 12.95 -24.58
C ALA A 143 -1.97 12.34 -25.87
N THR A 144 -2.60 11.26 -26.31
CA THR A 144 -2.05 10.43 -27.38
C THR A 144 -3.13 10.06 -28.38
N LEU A 145 -2.70 9.81 -29.61
CA LEU A 145 -3.54 9.26 -30.65
C LEU A 145 -3.62 7.75 -30.51
N TYR A 146 -4.81 7.19 -30.66
CA TYR A 146 -5.03 5.76 -30.52
C TYR A 146 -5.97 5.28 -31.62
N HIS A 147 -5.52 4.30 -32.38
CA HIS A 147 -6.37 3.51 -33.26
C HIS A 147 -6.68 2.19 -32.56
N GLU A 148 -7.96 1.77 -32.64
CA GLU A 148 -8.41 0.65 -31.82
C GLU A 148 -7.57 -0.60 -32.04
N GLY A 149 -7.19 -0.87 -33.29
CA GLY A 149 -6.40 -2.04 -33.60
C GLY A 149 -4.97 -1.71 -33.98
N GLU A 150 -4.14 -1.39 -32.99
CA GLU A 150 -2.74 -1.11 -33.27
C GLU A 150 -1.92 -1.19 -32.00
N GLU A 151 -0.64 -1.49 -32.17
CA GLU A 151 0.25 -1.69 -31.03
C GLU A 151 0.60 -0.35 -30.38
N PHE A 152 1.52 -0.40 -29.43
CA PHE A 152 1.85 0.73 -28.58
C PHE A 152 2.42 1.89 -29.39
N ALA A 153 2.36 3.09 -28.80
CA ALA A 153 2.79 4.32 -29.46
C ALA A 153 2.28 4.38 -30.89
N GLU A 154 3.17 4.64 -31.84
CA GLU A 154 2.88 4.65 -33.28
C GLU A 154 1.51 5.28 -33.54
N GLY A 155 1.43 6.55 -33.22
CA GLY A 155 0.19 7.27 -33.06
C GLY A 155 0.47 8.43 -32.13
N PRO A 156 0.76 9.60 -32.69
CA PRO A 156 1.61 10.56 -32.00
C PRO A 156 1.07 11.04 -30.65
N ILE A 157 1.94 11.75 -29.94
CA ILE A 157 1.54 12.48 -28.74
C ILE A 157 0.89 13.77 -29.21
N LEU A 158 -0.41 13.91 -28.99
CA LEU A 158 -1.12 15.07 -29.48
C LEU A 158 -0.79 16.30 -28.63
N MET A 159 -0.66 16.12 -27.33
CA MET A 159 -0.42 17.22 -26.42
C MET A 159 0.32 16.72 -25.19
N ILE A 160 1.08 17.63 -24.57
CA ILE A 160 1.74 17.39 -23.29
C ILE A 160 1.37 18.51 -22.36
N SER A 161 1.00 18.17 -21.12
CA SER A 161 0.56 19.14 -20.14
C SER A 161 1.44 19.07 -18.91
N TYR A 162 1.46 20.16 -18.14
CA TYR A 162 2.23 20.22 -16.92
C TYR A 162 1.59 21.24 -15.99
N ALA A 163 1.81 21.04 -14.69
CA ALA A 163 1.25 21.91 -13.67
C ALA A 163 2.26 22.07 -12.55
N ASP A 164 2.23 23.22 -11.89
CA ASP A 164 3.04 23.46 -10.71
C ASP A 164 2.32 24.50 -9.86
N GLU A 165 3.08 25.17 -8.98
CA GLU A 165 2.49 26.21 -8.14
C GLU A 165 1.93 27.36 -8.98
N GLU A 166 2.62 27.72 -10.07
CA GLU A 166 2.20 28.88 -10.84
C GLU A 166 0.91 28.63 -11.61
N GLY A 167 0.73 27.42 -12.12
CA GLY A 167 -0.47 27.10 -12.86
C GLY A 167 -0.25 25.88 -13.73
N ALA A 168 -1.19 25.69 -14.66
CA ALA A 168 -1.17 24.56 -15.58
C ALA A 168 -1.25 25.06 -17.01
N ARG A 169 -0.40 24.49 -17.87
CA ARG A 169 -0.37 24.85 -19.27
C ARG A 169 -0.31 23.59 -20.13
N VAL A 170 -0.84 23.69 -21.34
CA VAL A 170 -0.85 22.59 -22.30
C VAL A 170 0.02 22.96 -23.48
N ILE A 171 0.78 21.98 -23.98
CA ILE A 171 1.56 22.11 -25.20
C ILE A 171 0.96 21.16 -26.23
N THR A 172 0.67 21.68 -27.42
CA THR A 172 0.18 20.88 -28.52
C THR A 172 0.66 21.50 -29.82
N TRP A 173 0.50 20.77 -30.93
CA TRP A 173 0.93 21.25 -32.23
C TRP A 173 -0.21 21.61 -33.18
N LYS A 174 -1.46 21.44 -32.76
CA LYS A 174 -2.55 22.13 -33.42
C LYS A 174 -2.89 23.40 -32.64
N ASN A 175 -3.77 24.20 -33.23
CA ASN A 175 -4.13 25.50 -32.67
C ASN A 175 -5.42 25.37 -31.86
N VAL A 176 -5.34 25.70 -30.57
CA VAL A 176 -6.47 25.65 -29.66
C VAL A 176 -6.64 27.02 -29.05
N ASP A 177 -7.88 27.54 -29.06
CA ASP A 177 -8.15 28.88 -28.57
C ASP A 177 -8.37 28.85 -27.05
N LEU A 178 -7.27 28.56 -26.34
CA LEU A 178 -7.30 28.54 -24.89
C LEU A 178 -6.11 29.31 -24.35
N PRO A 179 -6.31 30.12 -23.30
CA PRO A 179 -5.23 31.02 -22.84
C PRO A 179 -4.04 30.28 -22.27
N TYR A 180 -4.21 29.04 -21.80
CA TYR A 180 -3.15 28.29 -21.15
C TYR A 180 -2.52 27.26 -22.07
N VAL A 181 -2.86 27.25 -23.36
CA VAL A 181 -2.30 26.32 -24.33
C VAL A 181 -1.25 27.03 -25.16
N ASP A 182 -0.03 26.49 -25.18
CA ASP A 182 1.03 26.95 -26.06
C ASP A 182 1.01 26.12 -27.32
N VAL A 183 1.00 26.78 -28.48
CA VAL A 183 0.92 26.11 -29.78
C VAL A 183 2.31 26.09 -30.41
N VAL A 184 2.70 24.94 -30.94
CA VAL A 184 3.95 24.78 -31.67
C VAL A 184 3.65 24.09 -32.99
N SER A 185 4.68 23.91 -33.80
CA SER A 185 4.46 23.49 -35.18
C SER A 185 4.23 21.99 -35.30
N THR A 186 5.05 21.18 -34.62
CA THR A 186 5.09 19.74 -34.82
C THR A 186 5.05 19.02 -33.47
N GLU A 187 4.82 17.70 -33.54
CA GLU A 187 4.96 16.87 -32.35
C GLU A 187 6.41 16.87 -31.86
N ARG A 188 7.38 16.83 -32.78
CA ARG A 188 8.77 16.95 -32.39
C ARG A 188 9.03 18.29 -31.71
N GLU A 189 8.38 19.35 -32.19
CA GLU A 189 8.53 20.65 -31.54
C GLU A 189 7.89 20.66 -30.16
N MET A 190 6.71 20.03 -30.03
CA MET A 190 6.03 19.97 -28.75
C MET A 190 6.86 19.25 -27.71
N ILE A 191 7.44 18.10 -28.08
CA ILE A 191 8.30 17.36 -27.16
C ILE A 191 9.46 18.25 -26.70
N LYS A 192 10.18 18.84 -27.67
CA LYS A 192 11.37 19.63 -27.33
C LYS A 192 11.03 20.79 -26.40
N ARG A 193 9.86 21.41 -26.60
CA ARG A 193 9.42 22.46 -25.70
C ARG A 193 9.25 21.94 -24.28
N PHE A 194 8.75 20.72 -24.12
CA PHE A 194 8.60 20.11 -22.81
C PHE A 194 9.95 19.83 -22.17
N LEU A 195 10.97 19.44 -22.94
CA LEU A 195 12.29 19.24 -22.36
C LEU A 195 12.85 20.55 -21.84
N ARG A 196 12.56 21.65 -22.54
CA ARG A 196 13.09 22.95 -22.14
C ARG A 196 12.47 23.45 -20.84
N VAL A 197 11.15 23.26 -20.67
CA VAL A 197 10.50 23.77 -19.47
C VAL A 197 10.98 23.01 -18.24
N VAL A 198 11.18 21.69 -18.35
CA VAL A 198 11.68 20.93 -17.21
C VAL A 198 13.06 21.42 -16.82
N LYS A 199 13.97 21.50 -17.78
CA LYS A 199 15.29 22.09 -17.53
C LYS A 199 15.16 23.52 -17.03
N GLU A 200 14.25 24.29 -17.61
CA GLU A 200 14.01 25.65 -17.15
C GLU A 200 13.48 25.65 -15.72
N LYS A 201 12.47 24.81 -15.45
CA LYS A 201 11.91 24.77 -14.10
C LYS A 201 12.85 24.05 -13.12
N ASP A 202 13.60 23.07 -13.60
CA ASP A 202 14.48 22.26 -12.78
C ASP A 202 13.78 21.75 -11.52
N PRO A 203 12.74 20.93 -11.66
CA PRO A 203 12.07 20.39 -10.48
C PRO A 203 12.84 19.23 -9.87
N ASP A 204 12.76 19.15 -8.53
CA ASP A 204 13.30 18.00 -7.83
C ASP A 204 12.39 16.79 -7.93
N VAL A 205 11.08 17.02 -8.06
CA VAL A 205 10.09 15.95 -8.14
C VAL A 205 9.36 16.09 -9.47
N LEU A 206 9.33 15.01 -10.23
CA LEU A 206 8.50 14.90 -11.43
C LEU A 206 7.30 14.03 -11.06
N ILE A 207 6.13 14.65 -10.99
CA ILE A 207 4.93 13.96 -10.56
C ILE A 207 4.17 13.46 -11.78
N THR A 208 3.88 12.16 -11.82
CA THR A 208 3.05 11.57 -12.84
C THR A 208 1.98 10.71 -12.18
N TYR A 209 1.06 10.20 -13.00
CA TYR A 209 0.09 9.19 -12.59
C TYR A 209 0.16 8.06 -13.61
N ASN A 210 0.70 6.92 -13.19
CA ASN A 210 1.01 5.78 -14.06
C ASN A 210 2.07 6.13 -15.10
N GLY A 211 2.94 7.11 -14.81
CA GLY A 211 4.03 7.40 -15.72
C GLY A 211 5.04 6.27 -15.80
N ASP A 212 5.09 5.44 -14.76
CA ASP A 212 5.99 4.29 -14.76
C ASP A 212 5.73 3.38 -15.95
N ASN A 213 4.47 3.11 -16.26
CA ASN A 213 4.11 2.14 -17.29
C ASN A 213 3.46 2.74 -18.52
N PHE A 214 3.25 4.07 -18.56
CA PHE A 214 2.72 4.69 -19.77
C PHE A 214 3.32 6.07 -20.05
N ASP A 215 2.93 7.07 -19.25
CA ASP A 215 3.27 8.46 -19.57
C ASP A 215 4.71 8.61 -20.04
N PHE A 216 5.66 8.23 -19.18
CA PHE A 216 7.08 8.31 -19.51
C PHE A 216 7.39 7.53 -20.79
N ALA A 217 7.25 6.25 -20.70
CA ALA A 217 7.53 5.31 -21.75
C ALA A 217 7.12 5.61 -23.13
N TYR A 218 6.03 6.31 -23.33
CA TYR A 218 5.57 6.62 -24.65
C TYR A 218 6.57 7.57 -25.11
N LEU A 219 6.85 8.58 -24.35
CA LEU A 219 7.79 9.58 -24.72
C LEU A 219 9.07 9.06 -25.19
N LYS A 220 9.54 7.95 -24.71
CA LYS A 220 10.83 7.56 -25.25
C LYS A 220 10.70 7.07 -26.70
N LYS A 221 9.81 6.09 -26.95
CA LYS A 221 9.63 5.53 -28.28
C LYS A 221 9.32 6.60 -29.34
N ARG A 222 8.43 7.53 -29.01
CA ARG A 222 8.23 8.69 -29.86
C ARG A 222 9.50 9.52 -29.98
N CYS A 223 10.23 9.69 -28.88
CA CYS A 223 11.52 10.39 -28.93
C CYS A 223 12.50 9.64 -29.83
N GLU A 224 12.52 8.31 -29.75
CA GLU A 224 13.44 7.55 -30.58
C GLU A 224 13.04 7.63 -32.06
N LYS A 225 11.75 7.45 -32.36
CA LYS A 225 11.30 7.50 -33.75
C LYS A 225 11.53 8.87 -34.37
N LEU A 226 11.38 9.94 -33.60
CA LEU A 226 11.56 11.29 -34.09
C LEU A 226 13.00 11.79 -33.97
N GLY A 227 13.93 10.93 -33.59
CA GLY A 227 15.31 11.35 -33.42
C GLY A 227 15.50 12.43 -32.38
N ILE A 228 14.88 12.27 -31.22
CA ILE A 228 14.95 13.23 -30.12
C ILE A 228 15.72 12.60 -28.97
N ASN A 229 16.61 13.38 -28.36
CA ASN A 229 17.33 12.95 -27.17
C ASN A 229 16.55 13.38 -25.93
N PHE A 230 16.18 12.40 -25.10
CA PHE A 230 15.26 12.62 -23.98
C PHE A 230 16.05 12.97 -22.72
N ALA A 231 16.70 14.14 -22.76
CA ALA A 231 17.62 14.54 -21.71
C ALA A 231 16.85 15.12 -20.52
N LEU A 232 16.20 14.22 -19.78
CA LEU A 232 15.41 14.64 -18.63
C LEU A 232 16.22 14.69 -17.34
N GLY A 233 17.29 13.89 -17.25
CA GLY A 233 18.02 13.82 -16.00
C GLY A 233 18.79 15.09 -15.69
N ARG A 234 19.12 15.25 -14.41
CA ARG A 234 19.92 16.39 -13.97
C ARG A 234 21.36 16.31 -14.46
N ASP A 235 21.86 15.12 -14.80
CA ASP A 235 23.18 14.96 -15.40
C ASP A 235 23.11 14.76 -16.91
N GLY A 236 22.04 15.26 -17.54
CA GLY A 236 21.82 15.09 -18.97
C GLY A 236 21.40 13.71 -19.40
N SER A 237 21.09 12.82 -18.46
CA SER A 237 20.78 11.44 -18.80
C SER A 237 19.33 11.28 -19.23
N GLU A 238 19.07 10.16 -19.89
CA GLU A 238 17.70 9.80 -20.25
C GLU A 238 17.03 9.06 -19.08
N PRO A 239 15.71 9.13 -18.98
CA PRO A 239 15.01 8.32 -17.98
C PRO A 239 15.47 6.87 -18.02
N LYS A 240 15.53 6.25 -16.86
CA LYS A 240 15.88 4.84 -16.72
C LYS A 240 14.61 4.01 -16.66
N ILE A 241 14.34 3.25 -17.71
CA ILE A 241 13.26 2.27 -17.66
C ILE A 241 13.82 1.02 -17.00
N GLN A 242 13.19 0.59 -15.92
CA GLN A 242 13.57 -0.62 -15.22
C GLN A 242 12.35 -1.52 -15.07
N ARG A 243 12.62 -2.82 -15.00
CA ARG A 243 11.60 -3.85 -14.85
C ARG A 243 11.38 -4.14 -13.38
N MET A 244 10.17 -3.88 -12.90
CA MET A 244 9.77 -4.23 -11.54
C MET A 244 8.73 -5.35 -11.62
N GLY A 245 9.22 -6.59 -11.73
CA GLY A 245 8.32 -7.73 -11.76
C GLY A 245 7.45 -7.73 -13.00
N ASP A 246 6.14 -7.80 -12.79
CA ASP A 246 5.20 -7.82 -13.92
C ASP A 246 5.19 -6.48 -14.66
N ARG A 247 5.24 -5.39 -13.92
CA ARG A 247 5.18 -4.05 -14.50
C ARG A 247 6.57 -3.41 -14.52
N PHE A 248 6.65 -2.14 -14.90
CA PHE A 248 7.90 -1.42 -15.08
C PHE A 248 7.91 -0.14 -14.26
N ALA A 249 9.12 0.35 -13.97
CA ALA A 249 9.32 1.57 -13.20
C ALA A 249 10.36 2.44 -13.91
N VAL A 250 10.23 3.75 -13.71
CA VAL A 250 11.03 4.74 -14.43
C VAL A 250 11.77 5.62 -13.42
N GLU A 251 13.07 5.77 -13.62
CA GLU A 251 13.89 6.69 -12.84
C GLU A 251 14.24 7.92 -13.67
N VAL A 252 14.50 9.03 -12.99
CA VAL A 252 15.05 10.24 -13.59
C VAL A 252 16.17 10.72 -12.67
N LYS A 253 17.42 10.50 -13.08
CA LYS A 253 18.54 10.74 -12.18
C LYS A 253 18.65 12.22 -11.82
N GLY A 254 19.01 12.47 -10.57
CA GLY A 254 19.01 13.81 -10.02
C GLY A 254 17.66 14.29 -9.52
N ARG A 255 16.58 13.62 -9.92
CA ARG A 255 15.23 14.01 -9.54
C ARG A 255 14.49 12.79 -8.99
N ILE A 256 13.37 13.04 -8.34
CA ILE A 256 12.51 11.98 -7.84
C ILE A 256 11.29 11.89 -8.75
N HIS A 257 11.23 10.84 -9.58
CA HIS A 257 10.02 10.58 -10.36
C HIS A 257 8.98 10.03 -9.40
N PHE A 258 7.99 10.85 -9.06
CA PHE A 258 6.96 10.51 -8.09
C PHE A 258 5.71 10.08 -8.86
N ASP A 259 5.59 8.78 -9.11
CA ASP A 259 4.41 8.20 -9.73
C ASP A 259 3.37 7.98 -8.63
N LEU A 260 2.23 8.68 -8.76
CA LEU A 260 1.19 8.62 -7.74
C LEU A 260 0.45 7.30 -7.75
N TYR A 261 0.29 6.66 -8.91
CA TYR A 261 -0.56 5.47 -9.01
C TYR A 261 -0.14 4.36 -8.04
N PRO A 262 1.13 3.95 -7.95
CA PRO A 262 1.46 2.93 -6.94
C PRO A 262 1.19 3.41 -5.52
N VAL A 263 1.62 4.63 -5.17
CA VAL A 263 1.42 5.11 -3.80
C VAL A 263 -0.07 5.30 -3.52
N ILE A 264 -0.87 5.67 -4.53
CA ILE A 264 -2.31 5.83 -4.30
C ILE A 264 -2.97 4.48 -4.07
N ARG A 265 -2.51 3.45 -4.78
CA ARG A 265 -3.17 2.15 -4.69
C ARG A 265 -2.97 1.52 -3.32
N ARG A 266 -1.73 1.54 -2.80
CA ARG A 266 -1.48 0.91 -1.50
C ARG A 266 -2.11 1.71 -0.36
N THR A 267 -2.13 3.04 -0.49
CA THR A 267 -2.61 3.89 0.60
C THR A 267 -4.13 3.87 0.72
N ILE A 268 -4.86 3.77 -0.38
CA ILE A 268 -6.29 3.98 -0.37
C ILE A 268 -7.02 2.80 -1.00
N ASN A 269 -8.26 2.58 -0.54
CA ASN A 269 -9.18 1.58 -1.08
C ASN A 269 -10.25 2.27 -1.91
N LEU A 270 -10.15 2.19 -3.23
CA LEU A 270 -11.14 2.77 -4.13
C LEU A 270 -11.73 1.70 -5.04
N PRO A 271 -13.00 1.84 -5.43
CA PRO A 271 -13.57 0.85 -6.36
C PRO A 271 -12.87 0.84 -7.70
N THR A 272 -12.44 2.00 -8.17
CA THR A 272 -11.71 2.15 -9.42
C THR A 272 -10.55 3.10 -9.18
N TYR A 273 -9.52 3.00 -10.03
CA TYR A 273 -8.30 3.76 -9.83
C TYR A 273 -7.95 4.64 -11.02
N THR A 274 -8.94 5.04 -11.81
CA THR A 274 -8.71 6.06 -12.83
C THR A 274 -8.42 7.39 -12.14
N LEU A 275 -7.80 8.30 -12.90
CA LEU A 275 -7.36 9.57 -12.31
C LEU A 275 -8.55 10.37 -11.79
N GLU A 276 -9.68 10.32 -12.49
CA GLU A 276 -10.86 11.05 -12.03
C GLU A 276 -11.39 10.48 -10.72
N ALA A 277 -11.42 9.15 -10.60
CA ALA A 277 -11.90 8.52 -9.37
C ALA A 277 -11.08 8.92 -8.16
N VAL A 278 -9.74 8.94 -8.32
CA VAL A 278 -8.88 9.29 -7.20
C VAL A 278 -9.05 10.76 -6.83
N TYR A 279 -9.18 11.64 -7.83
CA TYR A 279 -9.36 13.06 -7.55
C TYR A 279 -10.68 13.31 -6.81
N GLU A 280 -11.78 12.76 -7.34
CA GLU A 280 -13.07 12.94 -6.68
C GLU A 280 -13.06 12.41 -5.26
N ALA A 281 -12.29 11.35 -5.01
CA ALA A 281 -12.27 10.76 -3.68
C ALA A 281 -11.52 11.63 -2.68
N VAL A 282 -10.34 12.12 -3.07
CA VAL A 282 -9.48 12.82 -2.12
C VAL A 282 -9.98 14.23 -1.85
N PHE A 283 -10.40 14.95 -2.88
CA PHE A 283 -10.77 16.36 -2.73
C PHE A 283 -12.26 16.62 -2.75
N GLY A 284 -13.08 15.61 -3.06
CA GLY A 284 -14.52 15.80 -3.06
C GLY A 284 -14.97 16.71 -4.18
N GLN A 285 -14.07 16.98 -5.11
CA GLN A 285 -14.35 17.81 -6.25
C GLN A 285 -14.42 16.91 -7.48
N PRO A 286 -15.50 16.97 -8.26
CA PRO A 286 -15.61 16.06 -9.41
C PRO A 286 -14.76 16.51 -10.59
N LYS A 287 -14.22 15.52 -11.29
CA LYS A 287 -13.48 15.72 -12.54
C LYS A 287 -14.07 14.80 -13.60
N GLU A 288 -14.43 15.37 -14.74
CA GLU A 288 -14.94 14.58 -15.85
C GLU A 288 -13.80 14.21 -16.78
N LYS A 289 -13.93 13.06 -17.44
CA LYS A 289 -12.90 12.52 -18.29
C LYS A 289 -13.38 12.48 -19.73
N VAL A 290 -12.45 12.74 -20.65
CA VAL A 290 -12.69 12.61 -22.09
C VAL A 290 -12.07 11.30 -22.53
N TYR A 291 -12.89 10.43 -23.11
CA TYR A 291 -12.40 9.10 -23.44
C TYR A 291 -11.50 9.13 -24.67
N ALA A 292 -10.75 8.03 -24.85
CA ALA A 292 -9.73 7.99 -25.89
C ALA A 292 -10.33 8.02 -27.28
N GLU A 293 -11.50 7.40 -27.48
CA GLU A 293 -12.16 7.53 -28.77
C GLU A 293 -12.59 8.97 -29.03
N GLU A 294 -12.89 9.72 -27.97
CA GLU A 294 -13.24 11.13 -28.14
C GLU A 294 -12.03 11.95 -28.55
N ILE A 295 -10.85 11.65 -28.01
CA ILE A 295 -9.68 12.49 -28.29
C ILE A 295 -9.19 12.25 -29.72
N THR A 296 -9.18 11.00 -30.17
CA THR A 296 -8.72 10.72 -31.53
C THR A 296 -9.70 11.27 -32.55
N THR A 297 -11.00 11.02 -32.37
CA THR A 297 -12.00 11.67 -33.20
C THR A 297 -11.74 13.17 -33.27
N ALA A 298 -11.78 13.84 -32.11
CA ALA A 298 -11.63 15.28 -32.07
C ALA A 298 -10.39 15.75 -32.82
N TRP A 299 -9.25 15.08 -32.62
CA TRP A 299 -8.01 15.51 -33.23
C TRP A 299 -8.09 15.47 -34.76
N GLU A 300 -8.59 14.36 -35.31
CA GLU A 300 -8.64 14.22 -36.76
C GLU A 300 -9.73 15.10 -37.37
N THR A 301 -10.88 15.25 -36.71
CA THR A 301 -11.89 16.17 -37.22
C THR A 301 -11.57 17.63 -36.94
N GLY A 302 -10.73 17.90 -35.95
CA GLY A 302 -10.59 19.28 -35.50
C GLY A 302 -11.83 19.82 -34.81
N GLU A 303 -12.55 18.97 -34.08
CA GLU A 303 -13.72 19.39 -33.31
C GLU A 303 -13.20 19.97 -32.01
N ASN A 304 -14.11 20.29 -31.08
CA ASN A 304 -13.72 21.04 -29.89
C ASN A 304 -12.48 20.22 -29.59
N LEU A 305 -11.30 20.81 -29.81
CA LEU A 305 -10.04 20.50 -29.14
C LEU A 305 -9.92 21.26 -27.83
N GLU A 306 -10.69 22.34 -27.67
CA GLU A 306 -10.81 22.99 -26.38
C GLU A 306 -11.21 22.01 -25.29
N ARG A 307 -12.13 21.10 -25.60
CA ARG A 307 -12.54 20.10 -24.62
C ARG A 307 -11.40 19.17 -24.26
N VAL A 308 -10.57 18.79 -25.25
CA VAL A 308 -9.46 17.89 -25.00
C VAL A 308 -8.34 18.63 -24.26
N ALA A 309 -8.13 19.90 -24.58
CA ALA A 309 -7.08 20.66 -23.90
C ALA A 309 -7.49 21.03 -22.48
N ARG A 310 -8.79 21.21 -22.24
CA ARG A 310 -9.27 21.43 -20.88
C ARG A 310 -9.07 20.18 -20.03
N TYR A 311 -9.38 19.01 -20.59
CA TYR A 311 -9.18 17.76 -19.88
C TYR A 311 -7.71 17.51 -19.61
N SER A 312 -6.86 17.70 -20.62
CA SER A 312 -5.43 17.45 -20.44
C SER A 312 -4.80 18.44 -19.48
N MET A 313 -5.28 19.69 -19.47
CA MET A 313 -4.79 20.65 -18.48
C MET A 313 -5.19 20.23 -17.07
N GLU A 314 -6.41 19.71 -16.91
CA GLU A 314 -6.86 19.29 -15.59
C GLU A 314 -6.12 18.04 -15.11
N ASP A 315 -5.77 17.15 -16.04
CA ASP A 315 -4.97 15.99 -15.70
C ASP A 315 -3.68 16.40 -14.98
N ALA A 316 -2.89 17.27 -15.60
CA ALA A 316 -1.69 17.77 -14.96
C ALA A 316 -2.01 18.50 -13.66
N LYS A 317 -3.10 19.26 -13.63
CA LYS A 317 -3.44 20.04 -12.43
C LYS A 317 -3.73 19.14 -11.24
N VAL A 318 -4.67 18.20 -11.40
CA VAL A 318 -5.02 17.31 -10.28
C VAL A 318 -3.83 16.43 -9.91
N THR A 319 -3.01 16.07 -10.90
CA THR A 319 -1.80 15.28 -10.61
C THR A 319 -0.86 16.06 -9.70
N TYR A 320 -0.66 17.35 -10.00
CA TYR A 320 0.14 18.19 -9.11
C TYR A 320 -0.52 18.34 -7.75
N GLU A 321 -1.83 18.60 -7.73
CA GLU A 321 -2.52 18.80 -6.46
C GLU A 321 -2.52 17.51 -5.63
N LEU A 322 -2.71 16.37 -6.27
CA LEU A 322 -2.54 15.09 -5.57
C LEU A 322 -1.11 14.91 -5.11
N GLY A 323 -0.14 15.25 -5.96
CA GLY A 323 1.25 15.13 -5.57
C GLY A 323 1.61 16.01 -4.39
N LYS A 324 0.99 17.20 -4.30
CA LYS A 324 1.21 18.06 -3.15
C LYS A 324 0.62 17.44 -1.88
N GLU A 325 -0.41 16.61 -2.04
CA GLU A 325 -1.07 16.02 -0.89
C GLU A 325 -0.36 14.77 -0.38
N PHE A 326 0.34 14.04 -1.26
CA PHE A 326 0.89 12.74 -0.90
C PHE A 326 2.40 12.70 -0.81
N LEU A 327 3.11 13.67 -1.38
CA LEU A 327 4.56 13.66 -1.26
C LEU A 327 5.05 13.75 0.18
N PRO A 328 4.54 14.64 1.04
CA PRO A 328 5.10 14.71 2.40
C PRO A 328 4.92 13.42 3.19
N MET A 329 3.73 12.83 3.15
CA MET A 329 3.51 11.53 3.77
C MET A 329 4.51 10.52 3.26
N GLU A 330 4.69 10.46 1.93
CA GLU A 330 5.63 9.52 1.34
C GLU A 330 7.08 9.90 1.66
N ALA A 331 7.35 11.19 1.81
CA ALA A 331 8.71 11.62 2.15
C ALA A 331 9.08 11.22 3.58
N GLN A 332 8.18 11.42 4.54
CA GLN A 332 8.46 11.03 5.91
C GLN A 332 8.63 9.53 6.03
N LEU A 333 7.88 8.77 5.23
CA LEU A 333 8.05 7.32 5.21
C LEU A 333 9.46 6.94 4.79
N SER A 334 10.03 7.67 3.81
CA SER A 334 11.39 7.41 3.40
C SER A 334 12.39 7.69 4.52
N ARG A 335 12.18 8.78 5.25
CA ARG A 335 13.04 9.10 6.39
C ARG A 335 13.01 7.98 7.43
N LEU A 336 11.82 7.43 7.69
CA LEU A 336 11.71 6.32 8.63
C LEU A 336 12.44 5.08 8.11
N ILE A 337 12.10 4.65 6.88
CA ILE A 337 12.67 3.42 6.32
C ILE A 337 14.15 3.59 5.98
N GLY A 338 14.61 4.82 5.78
CA GLY A 338 16.00 5.03 5.43
C GLY A 338 16.33 4.65 4.01
N GLN A 339 15.38 4.83 3.09
CA GLN A 339 15.57 4.56 1.67
C GLN A 339 15.04 5.74 0.88
N SER A 340 15.40 5.77 -0.40
CA SER A 340 14.98 6.87 -1.25
C SER A 340 13.46 6.90 -1.38
N LEU A 341 12.92 8.11 -1.56
CA LEU A 341 11.51 8.24 -1.85
C LEU A 341 11.13 7.40 -3.07
N TRP A 342 11.98 7.40 -4.10
CA TRP A 342 11.69 6.62 -5.30
C TRP A 342 11.47 5.15 -4.96
N ASP A 343 12.37 4.57 -4.17
CA ASP A 343 12.25 3.16 -3.79
C ASP A 343 11.14 2.95 -2.77
N VAL A 344 11.01 3.87 -1.81
CA VAL A 344 10.00 3.72 -0.76
C VAL A 344 8.60 3.77 -1.36
N SER A 345 8.34 4.71 -2.27
CA SER A 345 6.99 4.91 -2.79
C SER A 345 6.50 3.74 -3.65
N ARG A 346 7.40 2.89 -4.14
CA ARG A 346 6.99 1.72 -4.91
C ARG A 346 7.12 0.42 -4.13
N SER A 347 7.46 0.48 -2.85
CA SER A 347 7.71 -0.71 -2.07
C SER A 347 6.44 -1.20 -1.38
N SER A 348 6.29 -2.52 -1.28
CA SER A 348 5.22 -3.13 -0.53
C SER A 348 5.52 -3.09 0.96
N THR A 349 4.58 -3.59 1.76
CA THR A 349 4.76 -3.62 3.20
C THR A 349 5.99 -4.44 3.60
N GLY A 350 6.14 -5.62 3.00
CA GLY A 350 7.25 -6.50 3.40
C GLY A 350 8.62 -5.89 3.14
N ASN A 351 8.80 -5.26 1.99
CA ASN A 351 10.09 -4.63 1.68
C ASN A 351 10.42 -3.53 2.66
N LEU A 352 9.42 -2.72 3.03
CA LEU A 352 9.67 -1.59 3.93
C LEU A 352 10.12 -2.05 5.30
N VAL A 353 9.50 -3.11 5.83
CA VAL A 353 9.94 -3.66 7.12
C VAL A 353 11.38 -4.17 6.99
N GLU A 354 11.68 -4.87 5.89
CA GLU A 354 13.00 -5.49 5.78
C GLU A 354 14.09 -4.46 5.58
N TRP A 355 13.84 -3.43 4.76
CA TRP A 355 14.81 -2.36 4.60
C TRP A 355 15.08 -1.67 5.93
N PHE A 356 14.03 -1.52 6.75
CA PHE A 356 14.20 -0.97 8.08
C PHE A 356 15.02 -1.90 8.96
N LEU A 357 14.65 -3.18 8.99
CA LEU A 357 15.37 -4.13 9.85
C LEU A 357 16.83 -4.28 9.41
N LEU A 358 17.08 -4.24 8.10
CA LEU A 358 18.44 -4.35 7.60
C LEU A 358 19.31 -3.20 8.08
N ARG A 359 18.77 -1.98 8.04
CA ARG A 359 19.50 -0.84 8.58
C ARG A 359 19.78 -1.02 10.06
N LYS A 360 18.78 -1.47 10.83
CA LYS A 360 18.96 -1.68 12.27
C LYS A 360 19.86 -2.88 12.56
N ALA A 361 19.73 -3.95 11.75
CA ALA A 361 20.63 -5.09 11.91
C ALA A 361 22.08 -4.67 11.73
N TYR A 362 22.35 -3.80 10.75
CA TYR A 362 23.72 -3.34 10.54
C TYR A 362 24.23 -2.58 11.76
N GLU A 363 23.36 -1.78 12.39
CA GLU A 363 23.80 -0.96 13.52
C GLU A 363 24.13 -1.81 14.74
N ARG A 364 23.33 -2.84 15.01
CA ARG A 364 23.53 -3.73 16.15
C ARG A 364 24.52 -4.85 15.85
N ASN A 365 25.32 -4.71 14.80
CA ASN A 365 26.29 -5.73 14.38
C ASN A 365 25.60 -7.08 14.20
N GLU A 366 24.32 -7.06 13.85
CA GLU A 366 23.53 -8.27 13.71
C GLU A 366 23.55 -8.71 12.25
N LEU A 367 24.31 -9.76 11.96
CA LEU A 367 24.32 -10.34 10.63
C LEU A 367 22.90 -10.72 10.21
N ALA A 368 22.55 -10.41 8.96
CA ALA A 368 21.18 -10.54 8.50
C ALA A 368 20.93 -11.90 7.88
N PRO A 369 19.86 -12.59 8.25
CA PRO A 369 19.50 -13.84 7.58
C PRO A 369 19.16 -13.60 6.12
N ASN A 370 19.15 -14.67 5.35
CA ASN A 370 18.94 -14.59 3.92
C ASN A 370 17.47 -14.73 3.56
N LYS A 371 17.12 -14.31 2.35
CA LYS A 371 15.80 -14.62 1.84
C LYS A 371 15.70 -16.11 1.59
N PRO A 372 14.53 -16.71 1.79
CA PRO A 372 14.40 -18.16 1.67
C PRO A 372 14.57 -18.61 0.22
N ASP A 373 15.25 -19.74 0.03
CA ASP A 373 15.36 -20.34 -1.29
C ASP A 373 14.06 -21.05 -1.64
N GLU A 374 13.97 -21.57 -2.86
CA GLU A 374 12.71 -22.12 -3.37
C GLU A 374 12.22 -23.27 -2.51
N LYS A 375 13.07 -24.25 -2.21
CA LYS A 375 12.64 -25.38 -1.38
C LYS A 375 12.36 -24.92 0.04
N GLU A 376 13.23 -24.07 0.58
CA GLU A 376 13.02 -23.53 1.91
C GLU A 376 11.78 -22.66 1.98
N LEU A 377 11.38 -22.05 0.85
CA LEU A 377 10.08 -21.38 0.80
C LEU A 377 8.93 -22.38 0.92
N ALA A 378 9.10 -23.60 0.42
CA ALA A 378 8.03 -24.58 0.45
C ALA A 378 7.77 -25.09 1.86
N ARG A 379 8.83 -25.24 2.67
CA ARG A 379 8.65 -25.62 4.07
C ARG A 379 7.94 -24.56 4.89
N ARG A 380 7.80 -23.34 4.36
CA ARG A 380 7.08 -22.26 5.03
C ARG A 380 5.61 -22.20 4.66
N ARG A 381 5.10 -23.18 3.89
CA ARG A 381 3.69 -23.21 3.54
C ARG A 381 2.80 -23.54 4.73
N GLN A 382 3.37 -23.80 5.89
CA GLN A 382 2.58 -24.02 7.10
C GLN A 382 1.77 -22.77 7.45
N SER A 383 0.57 -23.01 7.97
CA SER A 383 -0.31 -21.93 8.42
C SER A 383 -0.62 -22.12 9.90
N TYR A 384 -1.12 -21.07 10.52
CA TYR A 384 -1.41 -21.05 11.95
C TYR A 384 -2.75 -20.36 12.18
N GLU A 385 -3.22 -20.41 13.41
CA GLU A 385 -4.51 -19.82 13.76
C GLU A 385 -4.33 -18.39 14.27
N GLY A 386 -5.24 -17.51 13.87
CA GLY A 386 -5.11 -16.09 14.14
C GLY A 386 -6.02 -15.57 15.22
N GLY A 387 -6.74 -14.50 14.92
CA GLY A 387 -7.53 -13.84 15.94
C GLY A 387 -8.79 -14.60 16.30
N TYR A 388 -9.37 -14.20 17.43
CA TYR A 388 -10.59 -14.81 17.94
C TYR A 388 -11.79 -13.96 17.54
N VAL A 389 -12.78 -14.59 16.93
CA VAL A 389 -14.02 -13.92 16.54
C VAL A 389 -15.17 -14.60 17.29
N LYS A 390 -15.85 -13.83 18.14
CA LYS A 390 -17.03 -14.31 18.83
C LYS A 390 -18.25 -14.19 17.91
N GLU A 391 -19.04 -15.26 17.86
CA GLU A 391 -20.30 -15.19 17.15
C GLU A 391 -21.19 -14.15 17.81
N PRO A 392 -21.70 -13.18 17.06
CA PRO A 392 -22.38 -12.04 17.69
C PRO A 392 -23.76 -12.40 18.20
N GLU A 393 -24.27 -11.52 19.07
CA GLU A 393 -25.67 -11.50 19.43
C GLU A 393 -26.37 -10.66 18.38
N ARG A 394 -26.87 -11.32 17.33
CA ARG A 394 -27.41 -10.60 16.19
C ARG A 394 -28.68 -9.85 16.57
N GLY A 395 -28.89 -8.72 15.91
CA GLY A 395 -30.05 -7.87 16.13
C GLY A 395 -29.64 -6.47 16.53
N LEU A 396 -30.62 -5.71 16.99
CA LEU A 396 -30.41 -4.32 17.38
C LEU A 396 -30.19 -4.23 18.89
N TRP A 397 -29.21 -3.41 19.28
CA TRP A 397 -28.87 -3.21 20.68
C TRP A 397 -28.79 -1.73 20.98
N GLU A 398 -28.86 -1.40 22.26
CA GLU A 398 -28.77 -0.03 22.72
C GLU A 398 -27.75 0.06 23.85
N ASN A 399 -27.21 1.26 24.05
CA ASN A 399 -26.23 1.55 25.10
C ASN A 399 -25.03 0.61 25.00
N ILE A 400 -24.36 0.67 23.85
CA ILE A 400 -23.27 -0.23 23.52
C ILE A 400 -21.95 0.51 23.73
N VAL A 401 -21.06 -0.12 24.51
CA VAL A 401 -19.72 0.39 24.75
C VAL A 401 -18.73 -0.48 24.00
N TYR A 402 -17.69 0.13 23.44
CA TYR A 402 -16.63 -0.60 22.76
C TYR A 402 -15.32 -0.42 23.51
N LEU A 403 -14.67 -1.54 23.83
CA LEU A 403 -13.39 -1.55 24.52
C LEU A 403 -12.41 -2.41 23.74
N ASP A 404 -11.22 -1.88 23.48
CA ASP A 404 -10.19 -2.62 22.76
C ASP A 404 -8.84 -2.33 23.40
N PHE A 405 -7.86 -3.19 23.13
CA PHE A 405 -6.51 -2.98 23.61
C PHE A 405 -5.81 -1.98 22.70
N ARG A 406 -4.89 -1.21 23.29
CA ARG A 406 -4.05 -0.30 22.54
C ARG A 406 -2.93 -1.08 21.88
N SER A 407 -3.00 -1.22 20.55
CA SER A 407 -1.98 -1.91 19.76
C SER A 407 -1.68 -3.29 20.35
N LEU A 408 -2.70 -4.15 20.26
CA LEU A 408 -2.64 -5.46 20.89
C LEU A 408 -1.37 -6.21 20.50
N TYR A 409 -1.18 -6.44 19.21
CA TYR A 409 -0.07 -7.30 18.76
C TYR A 409 1.29 -6.66 19.03
N PRO A 410 1.48 -5.36 18.79
CA PRO A 410 2.75 -4.74 19.23
C PRO A 410 2.95 -4.80 20.74
N SER A 411 1.89 -4.55 21.52
CA SER A 411 2.02 -4.65 22.98
C SER A 411 2.45 -6.05 23.40
N ILE A 412 1.90 -7.08 22.75
CA ILE A 412 2.30 -8.45 23.05
C ILE A 412 3.77 -8.67 22.72
N ILE A 413 4.23 -8.11 21.60
CA ILE A 413 5.59 -8.39 21.14
C ILE A 413 6.63 -7.85 22.11
N ILE A 414 6.45 -6.61 22.58
CA ILE A 414 7.42 -6.04 23.50
C ILE A 414 7.25 -6.60 24.91
N THR A 415 5.99 -6.78 25.34
CA THR A 415 5.74 -7.20 26.73
C THR A 415 6.28 -8.61 26.99
N HIS A 416 6.10 -9.53 26.04
CA HIS A 416 6.54 -10.91 26.21
C HIS A 416 7.81 -11.22 25.44
N ASN A 417 8.47 -10.19 24.89
CA ASN A 417 9.75 -10.33 24.19
C ASN A 417 9.67 -11.32 23.03
N VAL A 418 8.59 -11.22 22.25
CA VAL A 418 8.35 -12.14 21.13
C VAL A 418 9.36 -11.82 20.03
N SER A 419 10.26 -12.76 19.76
CA SER A 419 11.34 -12.51 18.80
C SER A 419 12.04 -13.81 18.43
N PRO A 420 12.51 -13.92 17.19
CA PRO A 420 13.25 -15.13 16.80
C PRO A 420 14.58 -15.29 17.51
N ASP A 421 15.22 -14.21 17.96
CA ASP A 421 16.47 -14.33 18.70
C ASP A 421 16.26 -14.76 20.16
N THR A 422 15.02 -14.71 20.64
CA THR A 422 14.69 -15.11 22.00
C THR A 422 13.81 -16.34 22.07
N LEU A 423 13.33 -16.83 20.93
CA LEU A 423 12.40 -17.95 20.91
C LEU A 423 13.11 -19.24 21.28
N ASN A 424 12.67 -19.86 22.37
CA ASN A 424 13.24 -21.12 22.85
C ASN A 424 14.74 -21.00 23.12
N ARG A 425 15.18 -19.79 23.48
CA ARG A 425 16.57 -19.58 23.86
C ARG A 425 16.89 -20.38 25.12
N GLU A 426 18.11 -20.90 25.17
CA GLU A 426 18.54 -21.76 26.25
C GLU A 426 19.44 -20.99 27.21
N GLY A 427 19.39 -21.38 28.49
CA GLY A 427 20.24 -20.77 29.48
C GLY A 427 19.78 -19.44 30.02
N CYS A 428 18.56 -19.03 29.76
CA CYS A 428 18.10 -17.75 30.27
C CYS A 428 17.52 -17.91 31.67
N LYS A 429 17.43 -16.78 32.38
CA LYS A 429 16.94 -16.81 33.75
C LYS A 429 15.42 -16.67 33.81
N GLU A 430 14.85 -15.90 32.89
CA GLU A 430 13.42 -15.63 32.89
C GLU A 430 12.84 -15.92 31.52
N TYR A 431 11.65 -16.52 31.51
CA TYR A 431 10.97 -16.91 30.29
C TYR A 431 9.51 -16.51 30.35
N ASP A 432 8.94 -16.20 29.19
CA ASP A 432 7.50 -16.16 29.00
C ASP A 432 7.09 -17.32 28.10
N VAL A 433 5.97 -17.95 28.45
CA VAL A 433 5.42 -19.05 27.67
C VAL A 433 4.15 -18.56 26.98
N ALA A 434 4.09 -18.75 25.69
CA ALA A 434 2.89 -18.39 24.96
C ALA A 434 1.80 -19.42 25.22
N PRO A 435 0.57 -18.98 25.49
CA PRO A 435 -0.51 -19.94 25.73
C PRO A 435 -0.78 -20.79 24.50
N GLN A 436 -1.35 -21.98 24.73
CA GLN A 436 -1.71 -22.93 23.69
C GLN A 436 -0.49 -23.43 22.91
N VAL A 437 0.19 -22.54 22.19
CA VAL A 437 1.30 -22.97 21.35
C VAL A 437 2.50 -23.41 22.20
N GLY A 438 2.72 -22.76 23.34
CA GLY A 438 3.69 -23.23 24.31
C GLY A 438 5.12 -22.78 24.10
N HIS A 439 5.36 -21.84 23.19
CA HIS A 439 6.74 -21.41 22.94
C HIS A 439 7.25 -20.56 24.10
N ARG A 440 8.52 -20.74 24.42
CA ARG A 440 9.19 -19.96 25.46
C ARG A 440 10.01 -18.85 24.82
N PHE A 441 10.04 -17.69 25.47
CA PHE A 441 10.81 -16.55 25.00
C PHE A 441 11.69 -16.05 26.13
N CYS A 442 13.00 -16.15 25.93
CA CYS A 442 13.95 -15.56 26.86
C CYS A 442 13.61 -14.09 27.09
N LYS A 443 13.72 -13.66 28.35
CA LYS A 443 13.45 -12.28 28.69
C LYS A 443 14.61 -11.63 29.45
N ASP A 444 15.80 -12.26 29.45
CA ASP A 444 16.93 -11.64 30.13
C ASP A 444 17.39 -10.39 29.40
N PHE A 445 17.21 -10.36 28.08
CA PHE A 445 17.64 -9.27 27.22
C PHE A 445 16.53 -8.97 26.23
N PRO A 446 16.48 -7.73 25.74
CA PRO A 446 15.44 -7.38 24.75
C PRO A 446 15.72 -8.05 23.41
N GLY A 447 14.69 -8.66 22.84
CA GLY A 447 14.80 -9.21 21.51
C GLY A 447 15.05 -8.12 20.48
N PHE A 448 15.65 -8.54 19.36
CA PHE A 448 16.02 -7.60 18.30
C PHE A 448 14.82 -6.80 17.83
N ILE A 449 13.79 -7.47 17.32
CA ILE A 449 12.58 -6.76 16.88
C ILE A 449 11.84 -6.10 18.03
N PRO A 450 11.64 -6.76 19.19
CA PRO A 450 10.98 -6.06 20.30
C PRO A 450 11.68 -4.77 20.70
N SER A 451 13.01 -4.75 20.75
CA SER A 451 13.72 -3.51 21.04
C SER A 451 13.43 -2.46 19.98
N LEU A 452 13.38 -2.84 18.71
CA LEU A 452 13.05 -1.89 17.66
C LEU A 452 11.62 -1.39 17.82
N LEU A 453 10.68 -2.31 18.09
CA LEU A 453 9.28 -1.93 18.23
C LEU A 453 9.06 -1.05 19.46
N GLY A 454 9.84 -1.26 20.52
CA GLY A 454 9.70 -0.41 21.70
C GLY A 454 10.12 1.02 21.43
N ASP A 455 11.33 1.20 20.89
CA ASP A 455 11.81 2.55 20.58
C ASP A 455 10.92 3.22 19.53
N LEU A 456 10.42 2.44 18.58
CA LEU A 456 9.49 2.98 17.60
C LEU A 456 8.27 3.60 18.28
N LEU A 457 7.59 2.81 19.12
CA LEU A 457 6.38 3.29 19.79
C LEU A 457 6.72 4.39 20.79
N GLU A 458 7.88 4.29 21.44
CA GLU A 458 8.32 5.36 22.33
C GLU A 458 8.57 6.64 21.55
N GLU A 459 9.21 6.54 20.40
CA GLU A 459 9.46 7.72 19.57
C GLU A 459 8.16 8.34 19.10
N ARG A 460 7.17 7.50 18.75
CA ARG A 460 5.90 8.00 18.25
C ARG A 460 5.20 8.86 19.29
N GLN A 461 5.13 8.37 20.53
CA GLN A 461 4.58 9.18 21.61
C GLN A 461 5.34 10.49 21.78
N LYS A 462 6.64 10.46 21.51
CA LYS A 462 7.43 11.69 21.62
C LYS A 462 7.11 12.66 20.50
N ILE A 463 6.92 12.15 19.28
CA ILE A 463 6.51 13.00 18.17
C ILE A 463 5.11 13.55 18.42
N LYS A 464 4.18 12.67 18.80
CA LYS A 464 2.81 13.08 19.11
C LYS A 464 2.79 14.19 20.14
N LYS A 465 3.59 14.05 21.20
CA LYS A 465 3.63 15.08 22.24
C LYS A 465 4.27 16.36 21.72
N LYS A 466 5.36 16.23 20.95
CA LYS A 466 5.98 17.42 20.37
C LYS A 466 5.04 18.11 19.40
N MET A 467 4.23 17.33 18.67
CA MET A 467 3.27 17.87 17.72
C MET A 467 2.43 18.99 18.32
N LYS A 468 1.69 18.68 19.40
CA LYS A 468 0.79 19.67 19.99
C LYS A 468 1.52 20.91 20.45
N ALA A 469 2.77 20.78 20.87
CA ALA A 469 3.50 21.94 21.37
C ALA A 469 4.00 22.85 20.25
N THR A 470 4.24 22.27 19.06
CA THR A 470 4.89 23.00 17.97
C THR A 470 4.06 24.19 17.54
N ILE A 471 4.71 25.35 17.45
CA ILE A 471 4.05 26.54 16.92
C ILE A 471 3.99 26.49 15.38
N ASP A 472 4.99 25.87 14.75
CA ASP A 472 5.12 25.93 13.30
C ASP A 472 4.03 25.09 12.64
N PRO A 473 3.33 25.62 11.63
CA PRO A 473 2.37 24.78 10.88
C PRO A 473 3.02 23.60 10.21
N ILE A 474 4.12 23.82 9.50
CA ILE A 474 4.60 22.82 8.55
C ILE A 474 5.38 21.73 9.25
N GLU A 475 6.19 22.08 10.25
CA GLU A 475 6.83 21.05 11.06
C GLU A 475 5.78 20.18 11.76
N ARG A 476 4.71 20.80 12.25
CA ARG A 476 3.67 20.06 12.94
C ARG A 476 3.03 19.01 12.02
N LYS A 477 2.73 19.39 10.77
CA LYS A 477 2.02 18.47 9.89
C LYS A 477 2.94 17.34 9.43
N LEU A 478 4.21 17.66 9.16
CA LEU A 478 5.18 16.59 8.89
C LEU A 478 5.33 15.66 10.09
N LEU A 479 5.39 16.23 11.30
CA LEU A 479 5.44 15.41 12.51
C LEU A 479 4.23 14.48 12.58
N ASP A 480 3.07 14.95 12.14
CA ASP A 480 1.90 14.07 12.11
C ASP A 480 2.12 12.88 11.19
N TYR A 481 2.74 13.11 10.03
CA TYR A 481 2.99 12.03 9.08
C TYR A 481 3.98 11.02 9.63
N ARG A 482 5.12 11.49 10.14
CA ARG A 482 6.12 10.56 10.68
C ARG A 482 5.52 9.75 11.82
N GLN A 483 4.79 10.40 12.73
CA GLN A 483 4.15 9.68 13.83
C GLN A 483 3.18 8.63 13.31
N ARG A 484 2.23 9.05 12.47
CA ARG A 484 1.31 8.09 11.86
C ARG A 484 2.04 7.04 11.03
N ARG A 485 3.16 7.41 10.40
CA ARG A 485 3.92 6.43 9.62
C ARG A 485 4.54 5.38 10.53
N ILE A 486 5.00 5.79 11.72
CA ILE A 486 5.53 4.84 12.68
C ILE A 486 4.44 3.86 13.13
N LYS A 487 3.18 4.31 13.21
CA LYS A 487 2.08 3.41 13.57
C LYS A 487 2.00 2.25 12.57
N ILE A 488 2.04 2.56 11.28
CA ILE A 488 1.86 1.52 10.27
C ILE A 488 3.04 0.54 10.27
N LEU A 489 4.26 1.05 10.43
CA LEU A 489 5.41 0.17 10.55
C LEU A 489 5.32 -0.68 11.80
N ALA A 490 4.90 -0.08 12.92
CA ALA A 490 4.81 -0.82 14.18
C ALA A 490 3.86 -2.00 14.08
N ASN A 491 2.74 -1.82 13.37
CA ASN A 491 1.74 -2.88 13.23
C ASN A 491 2.02 -3.80 12.06
N SER A 492 3.12 -3.62 11.35
CA SER A 492 3.49 -4.51 10.26
C SER A 492 4.39 -5.66 10.71
N TYR A 493 4.83 -5.67 11.98
CA TYR A 493 5.82 -6.64 12.41
C TYR A 493 5.20 -8.03 12.56
N TYR A 494 4.00 -8.13 13.14
CA TYR A 494 3.38 -9.44 13.31
C TYR A 494 3.16 -10.13 11.96
N GLY A 495 2.52 -9.43 11.02
CA GLY A 495 2.33 -10.02 9.70
C GLY A 495 3.64 -10.37 9.03
N TYR A 496 4.66 -9.53 9.25
CA TYR A 496 5.99 -9.85 8.75
C TYR A 496 6.50 -11.17 9.33
N TYR A 497 6.20 -11.44 10.60
CA TYR A 497 6.64 -12.69 11.21
C TYR A 497 6.14 -13.90 10.44
N GLY A 498 4.89 -13.85 9.97
CA GLY A 498 4.31 -14.95 9.22
C GLY A 498 4.54 -14.91 7.73
N TYR A 499 5.26 -13.91 7.24
CA TYR A 499 5.52 -13.74 5.81
C TYR A 499 6.62 -14.71 5.40
N ALA A 500 6.29 -15.64 4.48
CA ALA A 500 7.21 -16.71 4.16
C ALA A 500 8.47 -16.19 3.48
N ARG A 501 8.40 -15.03 2.83
CA ARG A 501 9.55 -14.47 2.13
C ARG A 501 10.41 -13.59 3.02
N ALA A 502 10.11 -13.51 4.31
CA ALA A 502 10.87 -12.65 5.20
C ALA A 502 12.21 -13.28 5.56
N ARG A 503 13.24 -12.45 5.62
CA ARG A 503 14.53 -12.91 6.14
C ARG A 503 14.38 -13.33 7.60
N TRP A 504 13.73 -12.49 8.40
CA TRP A 504 13.47 -12.72 9.82
C TRP A 504 12.14 -13.44 10.06
N TYR A 505 11.86 -14.46 9.23
CA TYR A 505 10.62 -15.20 9.37
C TYR A 505 10.63 -16.04 10.63
N CYS A 506 9.48 -16.10 11.29
CA CYS A 506 9.35 -16.93 12.50
C CYS A 506 7.86 -17.22 12.69
N LYS A 507 7.42 -18.37 12.18
CA LYS A 507 6.03 -18.79 12.38
C LYS A 507 5.71 -18.91 13.86
N GLU A 508 6.65 -19.44 14.64
CA GLU A 508 6.42 -19.57 16.08
C GLU A 508 6.15 -18.22 16.72
N CYS A 509 6.91 -17.18 16.32
CA CYS A 509 6.60 -15.83 16.79
C CYS A 509 5.20 -15.41 16.36
N ALA A 510 4.81 -15.75 15.12
CA ALA A 510 3.50 -15.33 14.62
C ALA A 510 2.37 -15.98 15.42
N GLU A 511 2.43 -17.30 15.60
CA GLU A 511 1.40 -17.99 16.36
C GLU A 511 1.49 -17.72 17.86
N SER A 512 2.66 -17.30 18.37
CA SER A 512 2.73 -16.89 19.77
C SER A 512 1.97 -15.58 19.99
N VAL A 513 2.13 -14.62 19.07
CA VAL A 513 1.43 -13.34 19.18
C VAL A 513 -0.07 -13.56 19.11
N THR A 514 -0.53 -14.32 18.11
CA THR A 514 -1.96 -14.57 17.99
C THR A 514 -2.49 -15.33 19.21
N ALA A 515 -1.68 -16.22 19.77
CA ALA A 515 -2.15 -17.02 20.91
C ALA A 515 -2.38 -16.16 22.14
N TRP A 516 -1.40 -15.32 22.50
CA TRP A 516 -1.60 -14.40 23.61
C TRP A 516 -2.82 -13.50 23.39
N GLY A 517 -2.95 -12.95 22.18
CA GLY A 517 -4.08 -12.06 21.92
C GLY A 517 -5.43 -12.74 22.13
N ARG A 518 -5.54 -14.02 21.76
CA ARG A 518 -6.79 -14.73 21.97
C ARG A 518 -7.11 -14.88 23.45
N GLU A 519 -6.11 -15.24 24.26
CA GLU A 519 -6.36 -15.37 25.69
C GLU A 519 -6.67 -14.02 26.32
N TYR A 520 -5.96 -12.97 25.89
CA TYR A 520 -6.16 -11.65 26.50
C TYR A 520 -7.55 -11.11 26.19
N ILE A 521 -8.06 -11.36 24.98
CA ILE A 521 -9.40 -10.89 24.66
C ILE A 521 -10.46 -11.76 25.33
N THR A 522 -10.21 -13.07 25.42
CA THR A 522 -11.21 -13.97 26.02
C THR A 522 -11.24 -13.86 27.53
N MET A 523 -10.07 -13.81 28.18
CA MET A 523 -10.03 -13.57 29.62
C MET A 523 -10.79 -12.30 29.98
N THR A 524 -10.60 -11.23 29.18
CA THR A 524 -11.30 -9.98 29.44
C THR A 524 -12.80 -10.10 29.17
N ILE A 525 -13.20 -10.94 28.22
CA ILE A 525 -14.63 -11.17 27.98
C ILE A 525 -15.29 -11.73 29.22
N LYS A 526 -14.67 -12.74 29.83
CA LYS A 526 -15.26 -13.40 30.98
C LYS A 526 -15.29 -12.49 32.20
N GLU A 527 -14.19 -11.75 32.43
CA GLU A 527 -14.12 -10.87 33.59
C GLU A 527 -15.23 -9.83 33.56
N ILE A 528 -15.40 -9.15 32.42
CA ILE A 528 -16.43 -8.12 32.34
C ILE A 528 -17.83 -8.73 32.46
N GLU A 529 -17.99 -9.97 32.01
CA GLU A 529 -19.30 -10.61 32.10
C GLU A 529 -19.53 -11.24 33.47
N GLU A 530 -18.51 -11.90 34.03
CA GLU A 530 -18.71 -12.66 35.25
C GLU A 530 -18.71 -11.77 36.49
N LYS A 531 -17.86 -10.75 36.53
CA LYS A 531 -17.73 -9.93 37.73
C LYS A 531 -18.33 -8.55 37.60
N TYR A 532 -18.76 -8.13 36.41
CA TYR A 532 -19.48 -6.88 36.25
C TYR A 532 -20.85 -7.03 35.60
N GLY A 533 -21.26 -8.26 35.28
CA GLY A 533 -22.58 -8.48 34.71
C GLY A 533 -22.80 -7.85 33.36
N PHE A 534 -21.74 -7.55 32.61
CA PHE A 534 -21.92 -7.02 31.26
C PHE A 534 -22.37 -8.13 30.32
N LYS A 535 -22.97 -7.72 29.20
CA LYS A 535 -23.31 -8.63 28.11
C LYS A 535 -22.48 -8.25 26.90
N VAL A 536 -21.65 -9.18 26.44
CA VAL A 536 -20.76 -8.92 25.31
C VAL A 536 -21.49 -9.28 24.03
N ILE A 537 -21.80 -8.26 23.22
CA ILE A 537 -22.53 -8.50 21.98
C ILE A 537 -21.62 -9.13 20.95
N TYR A 538 -20.46 -8.54 20.74
CA TYR A 538 -19.61 -8.88 19.61
C TYR A 538 -18.16 -8.60 19.98
N SER A 539 -17.28 -9.53 19.65
CA SER A 539 -15.85 -9.37 19.92
C SER A 539 -15.06 -9.88 18.74
N ASP A 540 -14.20 -9.03 18.17
CA ASP A 540 -13.42 -9.37 16.99
C ASP A 540 -11.95 -9.09 17.29
N THR A 541 -11.21 -10.16 17.62
CA THR A 541 -9.76 -10.17 17.69
C THR A 541 -9.19 -9.35 18.83
N ASP A 542 -9.35 -8.02 18.79
CA ASP A 542 -8.70 -7.15 19.77
C ASP A 542 -9.67 -6.20 20.45
N GLY A 543 -10.96 -6.47 20.42
CA GLY A 543 -11.92 -5.62 21.10
C GLY A 543 -13.28 -6.30 21.18
N PHE A 544 -14.15 -5.73 22.01
CA PHE A 544 -15.49 -6.27 22.17
C PHE A 544 -16.52 -5.17 22.38
N PHE A 545 -17.74 -5.44 21.93
CA PHE A 545 -18.91 -4.60 22.18
C PHE A 545 -19.68 -5.19 23.35
N ALA A 546 -19.91 -4.39 24.39
CA ALA A 546 -20.53 -4.89 25.60
C ALA A 546 -21.60 -3.92 26.09
N THR A 547 -22.58 -4.47 26.80
CA THR A 547 -23.65 -3.67 27.40
C THR A 547 -24.17 -4.38 28.63
N ILE A 548 -24.79 -3.60 29.50
CA ILE A 548 -25.61 -4.13 30.60
C ILE A 548 -27.06 -4.12 30.12
N PRO A 549 -27.76 -5.26 30.14
CA PRO A 549 -29.04 -5.35 29.40
C PRO A 549 -30.06 -4.28 29.77
N GLY A 550 -30.39 -4.12 31.04
CA GLY A 550 -31.38 -3.13 31.43
C GLY A 550 -30.80 -1.97 32.21
N ALA A 551 -29.92 -1.19 31.57
CA ALA A 551 -29.24 -0.11 32.24
C ALA A 551 -29.35 1.19 31.44
N ASP A 552 -29.12 2.30 32.12
CA ASP A 552 -29.12 3.60 31.49
C ASP A 552 -27.79 3.84 30.78
N ALA A 553 -27.81 4.79 29.84
CA ALA A 553 -26.59 5.14 29.12
C ALA A 553 -25.46 5.53 30.07
N GLU A 554 -25.80 6.28 31.12
CA GLU A 554 -24.78 6.69 32.08
C GLU A 554 -24.28 5.52 32.92
N THR A 555 -25.18 4.59 33.26
CA THR A 555 -24.78 3.44 34.08
C THR A 555 -23.78 2.56 33.36
N VAL A 556 -24.09 2.14 32.13
CA VAL A 556 -23.17 1.31 31.35
C VAL A 556 -21.86 2.06 31.13
N LYS A 557 -21.93 3.36 30.86
CA LYS A 557 -20.72 4.15 30.66
C LYS A 557 -19.82 4.10 31.89
N LYS A 558 -20.33 4.56 33.04
CA LYS A 558 -19.49 4.68 34.23
C LYS A 558 -19.01 3.32 34.72
N LYS A 559 -19.89 2.31 34.69
CA LYS A 559 -19.48 0.96 35.07
C LYS A 559 -18.37 0.43 34.16
N ALA A 560 -18.43 0.77 32.86
CA ALA A 560 -17.38 0.34 31.94
C ALA A 560 -16.03 0.94 32.32
N MET A 561 -16.04 2.19 32.79
CA MET A 561 -14.81 2.81 33.28
C MET A 561 -14.23 2.02 34.44
N GLU A 562 -15.08 1.65 35.41
CA GLU A 562 -14.60 0.91 36.57
C GLU A 562 -14.00 -0.43 36.17
N PHE A 563 -14.60 -1.10 35.17
CA PHE A 563 -14.00 -2.34 34.69
C PHE A 563 -12.63 -2.09 34.08
N LEU A 564 -12.47 -0.99 33.34
CA LEU A 564 -11.15 -0.64 32.81
C LEU A 564 -10.13 -0.51 33.92
N LYS A 565 -10.49 0.23 34.98
CA LYS A 565 -9.56 0.44 36.09
C LYS A 565 -9.15 -0.88 36.72
N TYR A 566 -10.01 -1.90 36.63
CA TYR A 566 -9.77 -3.16 37.33
C TYR A 566 -8.89 -4.10 36.51
N ILE A 567 -9.21 -4.32 35.24
CA ILE A 567 -8.41 -5.26 34.46
C ILE A 567 -7.05 -4.67 34.10
N ASN A 568 -6.96 -3.36 33.94
CA ASN A 568 -5.66 -2.74 33.65
C ASN A 568 -4.66 -3.02 34.77
N ALA A 569 -5.15 -3.06 36.02
CA ALA A 569 -4.32 -3.51 37.12
C ALA A 569 -3.87 -4.95 36.95
N LYS A 570 -4.70 -5.78 36.31
CA LYS A 570 -4.36 -7.18 36.04
C LYS A 570 -3.65 -7.37 34.69
N LEU A 571 -3.45 -6.30 33.93
CA LEU A 571 -2.89 -6.43 32.59
C LEU A 571 -1.38 -6.27 32.64
N PRO A 572 -0.61 -7.26 32.17
CA PRO A 572 0.85 -7.19 32.29
C PRO A 572 1.47 -6.27 31.25
N GLY A 573 2.66 -5.76 31.60
CA GLY A 573 3.47 -5.03 30.64
C GLY A 573 2.74 -3.84 30.06
N ALA A 574 2.81 -3.72 28.74
CA ALA A 574 2.22 -2.59 28.02
C ALA A 574 0.80 -2.88 27.53
N LEU A 575 0.25 -4.04 27.85
CA LEU A 575 -1.12 -4.35 27.47
C LEU A 575 -2.09 -3.50 28.27
N GLU A 576 -3.03 -2.86 27.57
CA GLU A 576 -3.98 -1.96 28.21
C GLU A 576 -5.26 -1.92 27.40
N LEU A 577 -6.37 -2.22 28.05
CA LEU A 577 -7.70 -2.07 27.46
C LEU A 577 -8.15 -0.63 27.65
N GLU A 578 -8.75 -0.05 26.62
CA GLU A 578 -9.17 1.34 26.64
C GLU A 578 -10.64 1.46 26.29
N TYR A 579 -11.17 2.67 26.52
CA TYR A 579 -12.57 3.01 26.27
C TYR A 579 -12.61 3.71 24.92
N GLU A 580 -12.88 2.94 23.85
CA GLU A 580 -12.82 3.51 22.51
C GLU A 580 -13.99 4.45 22.26
N GLY A 581 -15.19 4.04 22.64
CA GLY A 581 -16.34 4.89 22.43
C GLY A 581 -17.60 4.24 22.94
N PHE A 582 -18.68 5.03 22.89
CA PHE A 582 -20.00 4.61 23.29
C PHE A 582 -20.98 4.92 22.19
N TYR A 583 -21.87 3.97 21.90
CA TYR A 583 -22.78 4.08 20.77
C TYR A 583 -24.20 3.82 21.23
N LYS A 584 -25.09 4.78 20.95
CA LYS A 584 -26.47 4.69 21.44
C LYS A 584 -27.14 3.40 20.98
N ARG A 585 -26.97 3.06 19.70
CA ARG A 585 -27.53 1.82 19.17
C ARG A 585 -26.52 1.18 18.23
N GLY A 586 -26.65 -0.13 18.07
CA GLY A 586 -25.85 -0.86 17.12
C GLY A 586 -26.61 -2.02 16.55
N PHE A 587 -26.35 -2.31 15.28
CA PHE A 587 -26.95 -3.48 14.64
C PHE A 587 -25.85 -4.43 14.17
N PHE A 588 -26.05 -5.72 14.42
CA PHE A 588 -25.07 -6.76 14.13
C PHE A 588 -25.72 -7.83 13.27
N VAL A 589 -25.37 -7.86 11.98
CA VAL A 589 -25.92 -8.85 11.06
C VAL A 589 -25.36 -10.23 11.37
N THR A 590 -24.03 -10.33 11.45
CA THR A 590 -23.32 -11.55 11.80
C THR A 590 -21.85 -11.21 12.06
N LYS A 591 -20.98 -12.21 11.98
CA LYS A 591 -19.56 -11.96 12.12
C LYS A 591 -19.07 -11.00 11.04
N LYS A 592 -18.31 -9.98 11.45
CA LYS A 592 -17.66 -8.99 10.61
C LYS A 592 -18.62 -8.02 9.95
N LYS A 593 -19.93 -8.17 10.14
CA LYS A 593 -20.92 -7.32 9.48
C LYS A 593 -21.78 -6.65 10.55
N TYR A 594 -21.49 -5.39 10.82
CA TYR A 594 -22.22 -4.65 11.84
C TYR A 594 -22.09 -3.15 11.58
N ALA A 595 -22.88 -2.38 12.32
CA ALA A 595 -22.83 -0.92 12.28
C ALA A 595 -23.30 -0.37 13.62
N VAL A 596 -22.83 0.83 13.96
CA VAL A 596 -23.13 1.47 15.23
C VAL A 596 -23.39 2.96 15.01
N ILE A 597 -24.13 3.55 15.94
CA ILE A 597 -24.48 4.96 15.90
C ILE A 597 -24.07 5.58 17.23
N ASP A 598 -23.32 6.68 17.18
CA ASP A 598 -22.82 7.32 18.40
C ASP A 598 -23.79 8.41 18.84
N GLU A 599 -23.37 9.23 19.81
CA GLU A 599 -24.22 10.34 20.26
C GLU A 599 -24.32 11.44 19.21
N GLU A 600 -23.27 11.64 18.42
CA GLU A 600 -23.26 12.72 17.43
C GLU A 600 -24.26 12.49 16.30
N GLY A 601 -24.67 11.24 16.07
CA GLY A 601 -25.45 10.88 14.91
C GLY A 601 -24.64 10.34 13.76
N LYS A 602 -23.33 10.12 13.95
CA LYS A 602 -22.48 9.55 12.92
C LYS A 602 -22.51 8.03 12.98
N ILE A 603 -22.65 7.40 11.83
CA ILE A 603 -22.80 5.95 11.73
C ILE A 603 -21.50 5.35 11.21
N THR A 604 -21.00 4.33 11.92
CA THR A 604 -19.81 3.61 11.52
C THR A 604 -20.22 2.23 11.01
N THR A 605 -19.63 1.81 9.90
CA THR A 605 -20.00 0.58 9.23
C THR A 605 -18.78 -0.32 9.06
N ARG A 606 -19.00 -1.63 9.25
CA ARG A 606 -17.94 -2.63 9.11
C ARG A 606 -18.47 -3.82 8.34
N GLY A 607 -17.75 -4.22 7.28
CA GLY A 607 -18.03 -5.44 6.55
C GLY A 607 -19.35 -5.50 5.82
N LEU A 608 -20.30 -4.61 6.12
CA LEU A 608 -21.53 -4.54 5.36
C LEU A 608 -21.24 -4.22 3.91
N GLU A 609 -22.24 -4.44 3.05
CA GLU A 609 -22.05 -4.30 1.62
C GLU A 609 -21.76 -2.86 1.20
N ILE A 610 -22.12 -1.88 2.03
CA ILE A 610 -21.81 -0.49 1.69
C ILE A 610 -20.31 -0.28 1.63
N VAL A 611 -19.54 -1.11 2.32
CA VAL A 611 -18.09 -0.97 2.30
C VAL A 611 -17.50 -1.68 1.08
N ARG A 612 -18.15 -2.73 0.59
CA ARG A 612 -17.60 -3.55 -0.48
C ARG A 612 -17.53 -2.79 -1.80
N ARG A 613 -16.47 -3.06 -2.56
CA ARG A 613 -16.30 -2.49 -3.89
C ARG A 613 -16.96 -3.32 -4.98
N ASP A 614 -17.15 -4.62 -4.75
CA ASP A 614 -17.83 -5.50 -5.69
C ASP A 614 -19.34 -5.50 -5.50
N TRP A 615 -19.88 -4.49 -4.83
CA TRP A 615 -21.32 -4.32 -4.73
C TRP A 615 -21.67 -2.99 -5.34
N SER A 616 -22.72 -2.96 -6.14
CA SER A 616 -23.07 -1.74 -6.85
C SER A 616 -23.43 -0.65 -5.86
N GLU A 617 -23.08 0.59 -6.24
CA GLU A 617 -23.32 1.81 -5.47
C GLU A 617 -24.75 1.88 -4.92
N ILE A 618 -25.67 1.20 -5.62
CA ILE A 618 -27.09 1.35 -5.36
C ILE A 618 -27.57 0.48 -4.19
N ALA A 619 -27.19 -0.80 -4.15
CA ALA A 619 -27.57 -1.58 -2.97
C ALA A 619 -26.92 -0.99 -1.72
N LYS A 620 -25.70 -0.47 -1.85
CA LYS A 620 -25.03 0.20 -0.73
C LYS A 620 -25.78 1.47 -0.32
N GLU A 621 -26.16 2.30 -1.31
CA GLU A 621 -26.93 3.49 -0.97
C GLU A 621 -28.24 3.13 -0.28
N THR A 622 -28.91 2.07 -0.73
CA THR A 622 -30.14 1.64 -0.08
C THR A 622 -29.86 1.01 1.27
N GLN A 623 -28.83 0.16 1.36
CA GLN A 623 -28.47 -0.41 2.65
C GLN A 623 -28.08 0.68 3.65
N ALA A 624 -27.39 1.72 3.17
CA ALA A 624 -27.09 2.85 4.04
C ALA A 624 -28.37 3.58 4.44
N ARG A 625 -29.35 3.64 3.53
CA ARG A 625 -30.57 4.39 3.83
C ARG A 625 -31.42 3.67 4.87
N VAL A 626 -31.61 2.36 4.72
CA VAL A 626 -32.32 1.61 5.75
C VAL A 626 -31.54 1.66 7.06
N LEU A 627 -30.23 1.42 7.00
CA LEU A 627 -29.38 1.44 8.20
C LEU A 627 -29.55 2.74 8.96
N GLU A 628 -29.56 3.87 8.24
CA GLU A 628 -29.79 5.16 8.88
C GLU A 628 -31.16 5.19 9.56
N ALA A 629 -32.20 4.70 8.87
CA ALA A 629 -33.55 4.83 9.40
C ALA A 629 -33.69 4.23 10.80
N LEU A 630 -33.24 2.98 10.98
CA LEU A 630 -33.42 2.37 12.29
C LEU A 630 -32.31 2.74 13.27
N LEU A 631 -31.11 3.04 12.79
CA LEU A 631 -30.06 3.49 13.70
C LEU A 631 -30.28 4.93 14.13
N LYS A 632 -30.64 5.81 13.19
CA LYS A 632 -30.83 7.22 13.53
C LYS A 632 -32.21 7.48 14.12
N ASP A 633 -33.27 7.02 13.45
CA ASP A 633 -34.64 7.25 13.88
C ASP A 633 -35.27 6.07 14.60
N GLY A 634 -34.93 4.84 14.21
CA GLY A 634 -35.65 3.68 14.69
C GLY A 634 -36.89 3.34 13.89
N ASP A 635 -37.08 3.99 12.74
CA ASP A 635 -38.30 3.88 11.95
C ASP A 635 -38.17 2.70 10.99
N VAL A 636 -38.59 1.52 11.47
CA VAL A 636 -38.47 0.30 10.66
C VAL A 636 -39.43 0.35 9.47
N GLU A 637 -40.67 0.83 9.70
CA GLU A 637 -41.61 0.94 8.60
C GLU A 637 -41.16 1.96 7.56
N LYS A 638 -40.38 2.97 7.98
CA LYS A 638 -39.75 3.84 7.00
C LYS A 638 -38.65 3.12 6.23
N ALA A 639 -38.02 2.12 6.86
CA ALA A 639 -36.94 1.40 6.19
C ALA A 639 -37.48 0.45 5.12
N VAL A 640 -38.62 -0.21 5.38
CA VAL A 640 -39.24 -1.00 4.32
C VAL A 640 -39.78 -0.08 3.24
N ARG A 641 -40.09 1.18 3.60
CA ARG A 641 -40.60 2.12 2.60
C ARG A 641 -39.53 2.47 1.58
N ILE A 642 -38.32 2.82 2.04
CA ILE A 642 -37.26 3.16 1.10
C ILE A 642 -36.90 1.95 0.23
N VAL A 643 -36.90 0.74 0.80
CA VAL A 643 -36.68 -0.44 -0.03
C VAL A 643 -37.81 -0.58 -1.04
N LYS A 644 -39.06 -0.49 -0.57
CA LYS A 644 -40.20 -0.47 -1.48
C LYS A 644 -40.02 0.58 -2.56
N GLU A 645 -39.67 1.79 -2.14
CA GLU A 645 -39.41 2.89 -3.04
C GLU A 645 -38.40 2.50 -4.12
N VAL A 646 -37.20 2.09 -3.69
CA VAL A 646 -36.13 1.76 -4.62
C VAL A 646 -36.57 0.65 -5.58
N THR A 647 -37.20 -0.40 -5.04
CA THR A 647 -37.56 -1.57 -5.84
C THR A 647 -38.44 -1.20 -7.04
N GLU A 648 -39.37 -0.28 -6.84
CA GLU A 648 -40.23 0.15 -7.95
C GLU A 648 -39.48 1.04 -8.93
N LYS A 649 -38.46 1.77 -8.49
CA LYS A 649 -37.69 2.59 -9.42
C LYS A 649 -36.80 1.72 -10.30
N LEU A 650 -36.27 0.62 -9.75
CA LEU A 650 -35.56 -0.35 -10.58
C LEU A 650 -36.50 -0.99 -11.60
N SER A 651 -37.71 -1.34 -11.17
CA SER A 651 -38.67 -1.98 -12.07
C SER A 651 -39.05 -1.06 -13.22
N LYS A 652 -39.18 0.23 -12.96
CA LYS A 652 -39.55 1.18 -14.00
C LYS A 652 -38.34 1.77 -14.71
N TYR A 653 -37.14 1.26 -14.44
CA TYR A 653 -35.90 1.68 -15.08
C TYR A 653 -35.60 3.17 -14.91
N GLU A 654 -36.12 3.77 -13.85
CA GLU A 654 -35.80 5.16 -13.52
C GLU A 654 -34.39 5.32 -12.94
N VAL A 655 -33.82 4.25 -12.41
CA VAL A 655 -32.54 4.36 -11.68
C VAL A 655 -31.41 4.63 -12.68
N PRO A 656 -30.49 5.55 -12.36
CA PRO A 656 -29.36 5.84 -13.25
C PRO A 656 -28.50 4.60 -13.52
N PRO A 657 -27.78 4.59 -14.66
CA PRO A 657 -27.03 3.39 -15.05
C PRO A 657 -25.73 3.23 -14.27
N GLU A 658 -25.12 4.35 -13.91
CA GLU A 658 -23.84 4.31 -13.21
C GLU A 658 -24.00 3.73 -11.80
N LYS A 659 -25.16 3.90 -11.19
CA LYS A 659 -25.41 3.26 -9.90
C LYS A 659 -25.28 1.74 -10.01
N LEU A 660 -25.65 1.17 -11.15
CA LEU A 660 -25.71 -0.28 -11.34
C LEU A 660 -24.36 -0.91 -11.64
N VAL A 661 -23.29 -0.14 -11.72
CA VAL A 661 -21.99 -0.71 -12.04
C VAL A 661 -21.45 -1.48 -10.84
N ILE A 662 -20.79 -2.61 -11.09
CA ILE A 662 -20.17 -3.43 -10.06
C ILE A 662 -18.73 -3.67 -10.47
N HIS A 663 -17.79 -3.30 -9.60
CA HIS A 663 -16.37 -3.29 -9.91
C HIS A 663 -15.70 -4.48 -9.22
N ILE A 664 -15.05 -5.34 -10.00
CA ILE A 664 -14.39 -6.54 -9.46
C ILE A 664 -13.02 -6.66 -10.13
N GLN A 665 -11.98 -6.71 -9.31
CA GLN A 665 -10.61 -6.74 -9.80
C GLN A 665 -10.24 -8.15 -10.29
N ILE A 666 -9.37 -8.21 -11.30
CA ILE A 666 -8.75 -9.46 -11.75
C ILE A 666 -7.50 -9.70 -10.93
N THR A 667 -7.36 -10.91 -10.39
CA THR A 667 -6.37 -11.21 -9.37
C THR A 667 -5.19 -12.04 -9.89
N ARG A 668 -5.11 -12.31 -11.19
CA ARG A 668 -4.10 -13.23 -11.68
C ARG A 668 -4.08 -13.24 -13.21
N ASP A 669 -3.29 -14.16 -13.77
CA ASP A 669 -3.41 -14.48 -15.18
C ASP A 669 -4.83 -14.97 -15.47
N LEU A 670 -5.41 -14.48 -16.56
CA LEU A 670 -6.73 -14.92 -16.97
C LEU A 670 -6.74 -16.41 -17.32
N LYS A 671 -5.60 -16.92 -17.81
CA LYS A 671 -5.51 -18.31 -18.21
C LYS A 671 -5.66 -19.25 -17.02
N ASP A 672 -5.30 -18.79 -15.81
CA ASP A 672 -5.25 -19.64 -14.63
C ASP A 672 -6.53 -19.56 -13.78
N TYR A 673 -7.61 -19.00 -14.32
CA TYR A 673 -8.88 -18.98 -13.62
C TYR A 673 -9.57 -20.33 -13.80
N LYS A 674 -9.67 -21.10 -12.70
CA LYS A 674 -10.36 -22.39 -12.76
C LYS A 674 -11.86 -22.20 -12.98
N ALA A 675 -12.44 -21.14 -12.43
CA ALA A 675 -13.85 -20.81 -12.66
C ALA A 675 -13.95 -19.46 -13.33
N THR A 676 -15.00 -19.28 -14.14
CA THR A 676 -15.22 -18.06 -14.90
C THR A 676 -16.40 -17.31 -14.27
N GLY A 677 -16.12 -16.14 -13.69
CA GLY A 677 -17.15 -15.32 -13.12
C GLY A 677 -17.55 -14.20 -14.06
N PRO A 678 -18.59 -13.44 -13.70
CA PRO A 678 -19.01 -12.31 -14.55
C PRO A 678 -17.88 -11.33 -14.87
N HIS A 679 -17.07 -10.94 -13.89
CA HIS A 679 -15.93 -10.07 -14.19
C HIS A 679 -14.90 -10.77 -15.05
N VAL A 680 -14.73 -12.09 -14.87
CA VAL A 680 -13.78 -12.85 -15.68
C VAL A 680 -14.22 -12.87 -17.14
N ALA A 681 -15.48 -13.22 -17.38
CA ALA A 681 -15.99 -13.33 -18.75
C ALA A 681 -15.84 -12.02 -19.49
N VAL A 682 -16.23 -10.91 -18.87
CA VAL A 682 -16.02 -9.58 -19.44
C VAL A 682 -14.55 -9.39 -19.79
N ALA A 683 -13.68 -9.37 -18.78
CA ALA A 683 -12.23 -9.27 -18.97
C ALA A 683 -11.72 -10.13 -20.11
N LYS A 684 -12.26 -11.35 -20.20
CA LYS A 684 -11.79 -12.31 -21.20
C LYS A 684 -12.03 -11.82 -22.62
N ARG A 685 -13.10 -11.04 -22.86
CA ARG A 685 -13.40 -10.58 -24.21
C ARG A 685 -12.61 -9.33 -24.58
N LEU A 686 -12.53 -8.37 -23.66
CA LEU A 686 -11.56 -7.28 -23.77
C LEU A 686 -10.17 -7.84 -24.09
N ALA A 687 -9.79 -8.95 -23.46
CA ALA A 687 -8.53 -9.61 -23.80
C ALA A 687 -8.52 -9.99 -25.28
N ALA A 688 -9.65 -10.53 -25.76
CA ALA A 688 -9.82 -10.84 -27.19
C ALA A 688 -10.01 -9.58 -28.05
N ARG A 689 -9.36 -8.47 -27.67
CA ARG A 689 -9.36 -7.21 -28.42
C ARG A 689 -7.99 -6.56 -28.25
N GLY A 690 -7.91 -5.24 -28.44
CA GLY A 690 -6.67 -4.52 -28.21
C GLY A 690 -6.27 -4.35 -26.76
N VAL A 691 -7.25 -4.44 -25.83
CA VAL A 691 -6.99 -4.25 -24.41
C VAL A 691 -6.35 -5.51 -23.84
N LYS A 692 -5.34 -5.33 -22.98
CA LYS A 692 -4.69 -6.43 -22.28
C LYS A 692 -5.00 -6.36 -20.80
N ILE A 693 -5.25 -7.51 -20.19
CA ILE A 693 -5.74 -7.60 -18.83
C ILE A 693 -4.58 -7.91 -17.92
N ARG A 694 -4.22 -6.96 -17.08
CA ARG A 694 -3.19 -7.06 -16.06
C ARG A 694 -3.82 -7.48 -14.75
N PRO A 695 -3.25 -8.44 -14.01
CA PRO A 695 -3.71 -8.67 -12.65
C PRO A 695 -3.72 -7.37 -11.86
N GLY A 696 -4.80 -7.14 -11.13
CA GLY A 696 -5.04 -5.87 -10.48
C GLY A 696 -5.80 -4.86 -11.33
N THR A 697 -6.24 -5.23 -12.53
CA THR A 697 -7.11 -4.37 -13.33
C THR A 697 -8.55 -4.51 -12.84
N VAL A 698 -9.19 -3.37 -12.61
CA VAL A 698 -10.57 -3.39 -12.14
C VAL A 698 -11.50 -3.44 -13.34
N ILE A 699 -12.43 -4.39 -13.33
CA ILE A 699 -13.47 -4.47 -14.35
C ILE A 699 -14.74 -3.88 -13.75
N SER A 700 -15.26 -2.85 -14.40
CA SER A 700 -16.57 -2.31 -14.07
C SER A 700 -17.55 -2.80 -15.13
N TYR A 701 -18.50 -3.63 -14.71
CA TYR A 701 -19.47 -4.20 -15.64
C TYR A 701 -20.89 -3.95 -15.15
N ILE A 702 -21.82 -4.09 -16.08
CA ILE A 702 -23.25 -3.96 -15.82
C ILE A 702 -23.92 -5.23 -16.32
N VAL A 703 -24.94 -5.68 -15.60
CA VAL A 703 -25.70 -6.85 -16.00
C VAL A 703 -26.92 -6.37 -16.78
N LEU A 704 -27.17 -7.00 -17.92
CA LEU A 704 -28.25 -6.62 -18.80
C LEU A 704 -29.37 -7.63 -18.72
N LYS A 705 -30.59 -7.16 -18.97
CA LYS A 705 -31.72 -8.07 -19.13
C LYS A 705 -31.42 -9.01 -20.29
N GLY A 706 -31.40 -10.31 -20.00
CA GLY A 706 -31.09 -11.29 -21.03
C GLY A 706 -31.32 -12.69 -20.50
N SER A 707 -31.03 -13.65 -21.37
CA SER A 707 -31.25 -15.06 -21.07
C SER A 707 -29.89 -15.76 -20.93
N GLY A 708 -29.63 -16.30 -19.75
CA GLY A 708 -28.43 -17.08 -19.53
C GLY A 708 -27.79 -16.73 -18.20
N ARG A 709 -26.53 -17.09 -18.06
CA ARG A 709 -25.80 -16.81 -16.84
C ARG A 709 -25.42 -15.34 -16.76
N ILE A 710 -25.16 -14.89 -15.53
CA ILE A 710 -24.81 -13.50 -15.29
C ILE A 710 -23.51 -13.12 -16.01
N GLY A 711 -22.60 -14.08 -16.18
CA GLY A 711 -21.39 -13.79 -16.94
C GLY A 711 -21.65 -13.57 -18.42
N ASP A 712 -22.72 -14.17 -18.94
CA ASP A 712 -23.08 -14.03 -20.34
C ASP A 712 -23.97 -12.83 -20.61
N ARG A 713 -24.37 -12.09 -19.59
CA ARG A 713 -25.19 -10.89 -19.75
C ARG A 713 -24.49 -9.64 -19.24
N ALA A 714 -23.18 -9.70 -19.07
CA ALA A 714 -22.41 -8.60 -18.49
C ALA A 714 -21.54 -7.97 -19.57
N ILE A 715 -21.59 -6.65 -19.67
CA ILE A 715 -20.75 -5.91 -20.60
C ILE A 715 -20.00 -4.84 -19.81
N PRO A 716 -18.81 -4.42 -20.27
CA PRO A 716 -18.15 -3.27 -19.62
C PRO A 716 -19.02 -2.04 -19.71
N PHE A 717 -19.09 -1.29 -18.60
CA PHE A 717 -20.00 -0.15 -18.52
C PHE A 717 -19.68 0.90 -19.59
N ASP A 718 -18.40 1.01 -19.99
CA ASP A 718 -18.03 2.00 -20.98
C ASP A 718 -18.70 1.76 -22.32
N GLU A 719 -18.91 0.50 -22.70
CA GLU A 719 -19.62 0.19 -23.93
C GLU A 719 -21.11 0.02 -23.72
N PHE A 720 -21.59 0.12 -22.47
CA PHE A 720 -23.04 0.18 -22.23
C PHE A 720 -23.56 1.55 -22.62
N ASP A 721 -24.70 1.56 -23.30
CA ASP A 721 -25.41 2.77 -23.67
C ASP A 721 -26.87 2.39 -23.86
N PRO A 722 -27.81 3.24 -23.43
CA PRO A 722 -29.23 2.84 -23.41
C PRO A 722 -29.83 2.54 -24.79
N THR A 723 -29.17 2.91 -25.90
CA THR A 723 -29.81 2.75 -27.21
C THR A 723 -30.08 1.28 -27.52
N LYS A 724 -29.08 0.40 -27.33
CA LYS A 724 -29.24 -1.02 -27.60
C LYS A 724 -29.21 -1.88 -26.34
N HIS A 725 -29.26 -1.27 -25.16
CA HIS A 725 -29.05 -2.01 -23.92
C HIS A 725 -30.08 -1.62 -22.87
N LYS A 726 -30.75 -2.63 -22.31
CA LYS A 726 -31.69 -2.48 -21.21
C LYS A 726 -31.15 -3.27 -20.04
N TYR A 727 -30.79 -2.58 -18.95
CA TYR A 727 -30.19 -3.28 -17.82
C TYR A 727 -31.21 -4.24 -17.20
N ASP A 728 -30.71 -5.24 -16.50
CA ASP A 728 -31.57 -6.20 -15.83
C ASP A 728 -32.05 -5.60 -14.52
N ALA A 729 -33.32 -5.18 -14.49
CA ALA A 729 -33.90 -4.64 -13.27
C ALA A 729 -34.06 -5.72 -12.21
N GLU A 730 -34.36 -6.95 -12.62
CA GLU A 730 -34.66 -8.00 -11.65
C GLU A 730 -33.41 -8.42 -10.88
N TYR A 731 -32.28 -8.60 -11.57
CA TYR A 731 -31.06 -9.03 -10.88
C TYR A 731 -30.65 -8.04 -9.80
N TYR A 732 -30.64 -6.75 -10.13
CA TYR A 732 -30.29 -5.75 -9.12
C TYR A 732 -31.31 -5.73 -8.00
N ILE A 733 -32.56 -6.05 -8.30
CA ILE A 733 -33.59 -6.08 -7.27
C ILE A 733 -33.53 -7.40 -6.51
N GLU A 734 -33.23 -8.50 -7.20
CA GLU A 734 -33.27 -9.84 -6.62
C GLU A 734 -31.94 -10.26 -6.01
N ASN A 735 -30.83 -9.98 -6.69
CA ASN A 735 -29.52 -10.45 -6.28
C ASN A 735 -28.68 -9.38 -5.62
N GLN A 736 -29.16 -8.13 -5.59
CA GLN A 736 -28.32 -7.04 -5.09
C GLN A 736 -29.00 -6.24 -3.98
N VAL A 737 -30.07 -5.50 -4.30
CA VAL A 737 -30.56 -4.54 -3.31
C VAL A 737 -31.24 -5.27 -2.14
N LEU A 738 -32.15 -6.19 -2.46
CA LEU A 738 -32.83 -6.96 -1.41
C LEU A 738 -31.85 -7.81 -0.60
N PRO A 739 -31.01 -8.67 -1.19
CA PRO A 739 -30.10 -9.48 -0.36
C PRO A 739 -29.30 -8.69 0.66
N ALA A 740 -28.80 -7.52 0.30
CA ALA A 740 -28.12 -6.67 1.27
C ALA A 740 -29.08 -6.16 2.32
N VAL A 741 -30.15 -5.47 1.89
CA VAL A 741 -31.19 -5.10 2.84
C VAL A 741 -32.04 -6.28 3.28
N GLU A 742 -31.76 -7.51 2.83
CA GLU A 742 -32.37 -8.71 3.41
C GLU A 742 -31.38 -9.46 4.28
N ARG A 743 -30.53 -8.71 5.00
CA ARG A 743 -29.68 -9.27 6.05
C ARG A 743 -29.80 -8.53 7.37
N ILE A 744 -30.69 -7.52 7.50
CA ILE A 744 -30.80 -6.78 8.75
C ILE A 744 -32.23 -6.69 9.32
N LEU A 745 -33.26 -6.79 8.46
CA LEU A 745 -34.65 -6.66 8.85
C LEU A 745 -35.38 -8.01 8.91
N ARG A 746 -34.65 -9.06 8.79
CA ARG A 746 -35.27 -10.26 8.95
C ARG A 746 -35.59 -10.26 10.42
N ALA A 747 -34.71 -9.72 11.25
CA ALA A 747 -34.93 -9.75 12.67
C ALA A 747 -36.23 -9.07 13.01
N PHE A 748 -36.73 -8.22 12.12
CA PHE A 748 -37.99 -7.52 12.33
C PHE A 748 -39.15 -8.24 11.68
N GLY A 749 -38.95 -9.47 11.21
CA GLY A 749 -40.00 -10.27 10.64
C GLY A 749 -40.28 -10.02 9.16
N TYR A 750 -39.50 -9.17 8.51
CA TYR A 750 -39.75 -8.85 7.12
C TYR A 750 -39.11 -9.86 6.19
N ARG A 751 -39.79 -10.14 5.09
CA ARG A 751 -39.32 -11.03 4.04
C ARG A 751 -39.38 -10.29 2.71
N LYS A 752 -38.44 -10.61 1.81
CA LYS A 752 -38.36 -9.99 0.48
C LYS A 752 -39.74 -9.79 -0.13
N GLU A 753 -40.62 -10.78 0.07
CA GLU A 753 -42.01 -10.69 -0.36
C GLU A 753 -42.67 -9.42 0.21
N ASP A 754 -42.29 -9.02 1.43
CA ASP A 754 -42.76 -7.75 1.99
C ASP A 754 -42.10 -6.54 1.34
N LEU A 755 -41.20 -6.73 0.36
CA LEU A 755 -40.42 -5.65 -0.22
C LEU A 755 -40.28 -5.79 -1.74
N ARG A 756 -41.43 -5.96 -2.43
CA ARG A 756 -41.45 -5.98 -3.91
C ARG A 756 -42.71 -5.32 -4.45
#